data_6I3O
#
_entry.id   6I3O
#
_cell.length_a   67.530
_cell.length_b   93.640
_cell.length_c   218.430
_cell.angle_alpha   90.000
_cell.angle_beta   90.000
_cell.angle_gamma   90.000
#
_symmetry.space_group_name_H-M   'P 21 21 21'
#
_entity_poly.entity_id   1
_entity_poly.type   'polypeptide(L)'
_entity_poly.pdbx_seq_one_letter_code
;TNMSIKEQRESLPVFQFRDQIIQAVKDNQILIVVGETGSGKTTQVTQYLAEAGFTKYGMIGCTQPRRVAAVSVAKRVAEE
VGCQLGQEVGYTIRFEDVTSPATKIKYMTDGMLQREILMDPDLKRYSVIMLDEAHERTIATDVLFALLKKTVKRRPDLKV
IVTSATLDAEKFSEYFNSCPIFTIPGRTFPVEILYSREPEPDYLEAALTTVMQIHLTEPPGDILVFLTGQEEIDTACEIL
YERMKALGPSVPELIILPIYSALPSEMQSRIFEPAPPGSRKVVIATNIAETSITIDYIYYVVDPGFVKQNAYDPKLGMDS
LVVTPISQAQANQRAGRAGRTGPGKCFRLYTEAAYQSEMLPTTIPDIQRQNLANTILLLKAMGINDLLRFDFMDPPPVNT
MLTALEELYALGALDDEGLLTRLGRKMADFPMEPSLSKVLIASVDKGCSDEMVTIVSMLNLQQIFYRPKDKQQQADQKKA
KFHDPTGDHLTLLNVYNAWKNSGYSNAWCFENYIQARAMRRARDVRQQIVKIMERHRHPIISCGRDTDKIRQALCAGFFR
NTARKDPQEGYKTLTEGTPVYLHPSSALFGKQAEWVLYHELVLTTKEYMHFTTAIEPKWLVEAAPTFFKLAPTDRLSKRK
KAERIQPLYNKYEGEDGWRLSAQRRAARPGGGGGTWG
;
_entity_poly.pdbx_strand_id   A,B
#
# COMPACT_ATOMS: atom_id res chain seq x y z
N SER A 4 -17.69 -5.00 5.68
CA SER A 4 -17.99 -3.68 4.97
C SER A 4 -17.15 -2.55 5.57
N ILE A 5 -16.86 -1.50 4.80
CA ILE A 5 -16.03 -0.38 5.35
C ILE A 5 -16.88 0.40 6.37
N LYS A 6 -18.10 0.78 5.97
CA LYS A 6 -19.04 1.54 6.85
C LYS A 6 -19.30 0.70 8.11
N GLU A 7 -19.62 -0.58 7.93
CA GLU A 7 -20.06 -1.46 9.04
C GLU A 7 -18.91 -1.56 10.04
N GLN A 8 -17.66 -1.72 9.56
CA GLN A 8 -16.52 -1.84 10.48
C GLN A 8 -16.40 -0.53 11.27
N ARG A 9 -16.51 0.59 10.60
CA ARG A 9 -16.36 1.95 11.15
C ARG A 9 -17.41 2.24 12.22
N GLU A 10 -18.63 1.85 11.96
CA GLU A 10 -19.78 2.10 12.86
C GLU A 10 -19.70 1.16 14.06
N SER A 11 -18.96 0.04 13.94
CA SER A 11 -18.92 -0.99 15.00
C SER A 11 -18.19 -0.47 16.24
N LEU A 12 -17.27 0.45 16.03
CA LEU A 12 -16.37 0.99 17.05
C LEU A 12 -17.19 1.76 18.09
N PRO A 13 -16.68 1.76 19.34
CA PRO A 13 -17.33 2.49 20.44
C PRO A 13 -17.46 4.01 20.26
N VAL A 14 -16.50 4.59 19.58
CA VAL A 14 -16.48 6.05 19.34
C VAL A 14 -17.68 6.53 18.51
N PHE A 15 -18.14 5.74 17.56
CA PHE A 15 -19.17 6.14 16.58
C PHE A 15 -20.45 6.58 17.26
N GLN A 16 -20.71 6.04 18.43
CA GLN A 16 -21.89 6.42 19.25
C GLN A 16 -21.76 7.87 19.70
N PHE A 17 -20.53 8.25 19.98
CA PHE A 17 -20.16 9.56 20.55
C PHE A 17 -19.64 10.47 19.43
N ARG A 18 -19.79 10.04 18.17
CA ARG A 18 -19.24 10.73 16.98
C ARG A 18 -19.80 12.15 16.83
N ASP A 19 -21.10 12.33 17.01
CA ASP A 19 -21.73 13.67 16.89
C ASP A 19 -21.32 14.54 18.08
N GLN A 20 -21.21 13.93 19.23
CA GLN A 20 -20.84 14.63 20.48
C GLN A 20 -19.40 15.15 20.41
N ILE A 21 -18.50 14.37 19.79
CA ILE A 21 -17.07 14.79 19.72
C ILE A 21 -16.94 16.08 18.91
N ILE A 22 -17.63 16.13 17.78
CA ILE A 22 -17.53 17.28 16.85
C ILE A 22 -17.97 18.56 17.56
N GLN A 23 -19.00 18.47 18.40
CA GLN A 23 -19.54 19.64 19.08
C GLN A 23 -18.55 20.14 20.11
N ALA A 24 -17.91 19.23 20.85
CA ALA A 24 -16.92 19.54 21.88
C ALA A 24 -15.72 20.23 21.26
N VAL A 25 -15.25 19.71 20.12
CA VAL A 25 -14.17 20.40 19.38
C VAL A 25 -14.61 21.78 18.90
N LYS A 26 -15.82 21.92 18.36
CA LYS A 26 -16.28 23.18 17.80
C LYS A 26 -16.41 24.23 18.88
N ASP A 27 -16.77 23.87 20.11
CA ASP A 27 -16.93 24.85 21.20
C ASP A 27 -15.59 25.14 21.90
N ASN A 28 -14.91 24.08 22.29
CA ASN A 28 -13.64 24.16 23.04
C ASN A 28 -12.41 24.19 22.15
N GLN A 29 -11.53 25.13 22.43
CA GLN A 29 -10.27 25.29 21.68
C GLN A 29 -9.31 24.13 21.97
N ILE A 30 -8.99 23.91 23.23
CA ILE A 30 -8.26 22.68 23.63
C ILE A 30 -9.18 21.70 24.34
N LEU A 31 -9.12 20.44 23.91
CA LEU A 31 -9.97 19.35 24.43
C LEU A 31 -9.17 18.08 24.75
N ILE A 32 -9.25 17.61 25.98
CA ILE A 32 -8.67 16.31 26.37
C ILE A 32 -9.66 15.18 26.15
N VAL A 33 -9.20 14.15 25.48
CA VAL A 33 -10.02 13.00 25.05
C VAL A 33 -9.44 11.77 25.75
N VAL A 34 -10.25 11.18 26.62
CA VAL A 34 -9.87 9.88 27.24
C VAL A 34 -10.60 8.78 26.50
N GLY A 35 -9.86 7.99 25.72
CA GLY A 35 -10.42 6.82 25.06
C GLY A 35 -9.72 5.56 25.49
N GLU A 36 -10.50 4.63 26.04
CA GLU A 36 -9.93 3.31 26.42
C GLU A 36 -9.43 2.62 25.15
N THR A 37 -8.37 1.81 25.26
CA THR A 37 -7.79 1.16 24.08
C THR A 37 -8.89 0.30 23.43
N GLY A 38 -8.99 0.39 22.12
CA GLY A 38 -10.03 -0.32 21.37
C GLY A 38 -11.27 0.50 21.12
N SER A 39 -11.17 1.82 21.35
CA SER A 39 -12.22 2.83 21.09
C SER A 39 -12.07 3.37 19.69
N GLY A 40 -10.85 3.31 19.14
CA GLY A 40 -10.61 3.77 17.76
C GLY A 40 -10.65 5.28 17.66
N LYS A 41 -10.41 5.98 18.76
CA LYS A 41 -10.25 7.44 18.75
C LYS A 41 -9.10 7.82 17.82
N THR A 42 -8.14 6.91 17.65
CA THR A 42 -6.93 7.18 16.85
C THR A 42 -7.28 7.39 15.38
N THR A 43 -8.08 6.50 14.84
CA THR A 43 -8.42 6.55 13.40
C THR A 43 -9.65 7.42 13.10
N GLN A 44 -10.71 7.21 13.88
CA GLN A 44 -12.06 7.74 13.58
C GLN A 44 -12.18 9.25 13.78
N VAL A 45 -11.57 9.80 14.83
CA VAL A 45 -11.78 11.23 15.21
C VAL A 45 -11.25 12.12 14.11
N THR A 46 -10.16 11.71 13.51
CA THR A 46 -9.51 12.49 12.44
C THR A 46 -10.44 12.63 11.25
N GLN A 47 -11.09 11.53 10.90
CA GLN A 47 -12.08 11.48 9.80
C GLN A 47 -13.30 12.35 10.14
N TYR A 48 -13.83 12.19 11.35
CA TYR A 48 -15.01 12.92 11.86
C TYR A 48 -14.84 14.43 11.66
N LEU A 49 -13.69 14.93 12.04
CA LEU A 49 -13.38 16.37 11.89
C LEU A 49 -13.24 16.68 10.40
N ALA A 50 -12.78 15.72 9.59
CA ALA A 50 -12.68 15.98 8.12
C ALA A 50 -14.07 16.06 7.49
N GLU A 51 -14.92 15.13 7.90
CA GLU A 51 -16.32 14.96 7.46
C GLU A 51 -17.14 16.17 7.86
N ALA A 52 -16.78 16.79 8.98
CA ALA A 52 -17.46 17.98 9.54
C ALA A 52 -16.98 19.31 8.97
N GLY A 53 -16.06 19.25 8.03
CA GLY A 53 -15.55 20.41 7.28
C GLY A 53 -14.51 21.23 8.02
N PHE A 54 -13.59 20.59 8.72
CA PHE A 54 -12.48 21.31 9.40
C PHE A 54 -11.29 21.44 8.47
N THR A 55 -11.31 20.76 7.33
CA THR A 55 -10.19 20.74 6.36
C THR A 55 -10.41 21.78 5.27
N LYS A 56 -11.40 22.64 5.44
CA LYS A 56 -11.75 23.64 4.41
C LYS A 56 -10.58 24.62 4.28
N TYR A 57 -10.03 25.09 5.38
CA TYR A 57 -8.99 26.16 5.41
C TYR A 57 -7.71 25.64 6.09
N GLY A 58 -7.61 24.35 6.36
CA GLY A 58 -6.44 23.81 7.08
C GLY A 58 -6.27 22.32 6.85
N MET A 59 -5.17 21.77 7.36
CA MET A 59 -4.95 20.31 7.50
C MET A 59 -5.24 19.85 8.94
N ILE A 60 -5.56 18.56 9.08
CA ILE A 60 -5.65 17.86 10.37
C ILE A 60 -4.38 17.05 10.57
N GLY A 61 -3.69 17.37 11.65
CA GLY A 61 -2.43 16.67 12.02
C GLY A 61 -2.59 15.87 13.28
N CYS A 62 -2.10 14.63 13.29
CA CYS A 62 -2.07 13.77 14.49
C CYS A 62 -0.65 13.20 14.67
N THR A 63 -0.14 13.36 15.90
CA THR A 63 1.23 12.86 16.22
C THR A 63 1.11 11.48 16.87
N GLN A 64 1.94 10.53 16.46
CA GLN A 64 1.98 9.19 17.03
C GLN A 64 3.33 9.05 17.72
N PRO A 65 3.37 8.21 18.77
CA PRO A 65 4.61 8.06 19.56
C PRO A 65 5.82 7.47 18.82
N ARG A 66 5.56 6.52 17.91
CA ARG A 66 6.61 5.86 17.10
C ARG A 66 6.36 6.09 15.60
N ARG A 67 7.44 5.98 14.87
CA ARG A 67 7.43 6.05 13.40
C ARG A 67 6.49 4.99 12.83
N VAL A 68 6.58 3.77 13.35
CA VAL A 68 5.80 2.62 12.83
C VAL A 68 4.30 2.91 13.02
N ALA A 69 3.95 3.49 14.15
CA ALA A 69 2.54 3.76 14.52
C ALA A 69 1.96 4.74 13.54
N ALA A 70 2.72 5.78 13.19
CA ALA A 70 2.21 6.81 12.25
C ALA A 70 1.96 6.20 10.88
N VAL A 71 2.84 5.30 10.45
CA VAL A 71 2.69 4.66 9.11
C VAL A 71 1.50 3.71 9.17
N SER A 72 1.39 2.95 10.27
CA SER A 72 0.36 1.91 10.50
C SER A 72 -1.01 2.54 10.51
N VAL A 73 -1.16 3.68 11.18
CA VAL A 73 -2.48 4.33 11.31
C VAL A 73 -2.85 4.96 9.96
N ALA A 74 -1.90 5.64 9.34
CA ALA A 74 -2.14 6.34 8.07
C ALA A 74 -2.67 5.43 6.97
N LYS A 75 -2.06 4.27 6.81
CA LYS A 75 -2.47 3.29 5.77
C LYS A 75 -3.88 2.83 6.09
N ARG A 76 -4.13 2.54 7.36
CA ARG A 76 -5.40 2.03 7.90
C ARG A 76 -6.53 3.03 7.63
N VAL A 77 -6.27 4.29 7.99
CA VAL A 77 -7.24 5.40 7.75
C VAL A 77 -7.44 5.60 6.25
N ALA A 78 -6.41 5.38 5.45
CA ALA A 78 -6.49 5.53 3.98
C ALA A 78 -7.50 4.54 3.44
N GLU A 79 -7.44 3.29 3.90
CA GLU A 79 -8.40 2.22 3.48
C GLU A 79 -9.83 2.65 3.85
N GLU A 80 -10.02 3.12 5.08
CA GLU A 80 -11.33 3.52 5.61
C GLU A 80 -11.89 4.68 4.79
N VAL A 81 -11.01 5.62 4.46
CA VAL A 81 -11.43 6.83 3.70
C VAL A 81 -11.68 6.39 2.24
N GLY A 82 -10.93 5.34 1.84
CA GLY A 82 -10.99 4.84 0.46
C GLY A 82 -10.24 5.71 -0.51
N CYS A 83 -8.99 6.04 -0.22
CA CYS A 83 -8.17 6.86 -1.13
C CYS A 83 -6.72 6.36 -1.05
N GLN A 84 -5.91 6.82 -2.00
CA GLN A 84 -4.54 6.31 -2.16
C GLN A 84 -3.69 6.95 -1.07
N LEU A 85 -2.81 6.14 -0.50
CA LEU A 85 -1.92 6.64 0.58
C LEU A 85 -1.05 7.80 0.08
N GLY A 86 -1.14 8.92 0.80
CA GLY A 86 -0.38 10.11 0.45
C GLY A 86 -1.26 11.18 -0.16
N GLN A 87 -2.41 10.79 -0.66
CA GLN A 87 -3.38 11.72 -1.28
C GLN A 87 -4.16 12.46 -0.20
N GLU A 88 -5.37 12.05 0.17
CA GLU A 88 -6.15 12.85 1.13
C GLU A 88 -5.62 12.59 2.54
N VAL A 89 -5.19 11.37 2.78
CA VAL A 89 -4.60 10.94 4.06
C VAL A 89 -3.20 10.36 3.76
N GLY A 90 -2.25 10.96 4.46
CA GLY A 90 -0.82 10.62 4.32
C GLY A 90 -0.15 10.68 5.66
N TYR A 91 1.06 10.15 5.77
CA TYR A 91 1.88 10.33 6.98
C TYR A 91 3.16 11.08 6.62
N THR A 92 3.74 11.73 7.64
CA THR A 92 5.11 12.29 7.55
C THR A 92 5.94 11.83 8.75
N ILE A 93 7.04 11.16 8.41
CA ILE A 93 8.09 10.75 9.38
C ILE A 93 9.43 11.14 8.77
N ARG A 94 10.50 11.03 9.53
CA ARG A 94 11.86 11.39 9.08
C ARG A 94 12.25 10.73 7.77
N PHE A 95 12.55 11.52 6.73
CA PHE A 95 13.00 11.05 5.41
C PHE A 95 11.97 10.15 4.69
N GLU A 96 10.72 10.32 5.06
CA GLU A 96 9.57 9.63 4.43
C GLU A 96 8.34 10.54 4.54
N ASP A 97 8.26 11.59 3.70
CA ASP A 97 7.10 12.53 3.63
C ASP A 97 6.08 12.02 2.61
N VAL A 98 5.25 11.07 3.04
CA VAL A 98 4.20 10.54 2.14
C VAL A 98 2.99 11.49 2.17
N THR A 99 3.10 12.66 1.54
CA THR A 99 2.00 13.64 1.47
C THR A 99 1.96 14.23 0.06
N SER A 100 0.83 14.83 -0.27
CA SER A 100 0.50 15.47 -1.58
C SER A 100 -0.09 16.85 -1.28
N PRO A 101 -0.18 17.82 -2.23
CA PRO A 101 -0.94 19.04 -1.98
C PRO A 101 -2.40 18.80 -1.57
N ALA A 102 -2.94 17.67 -2.01
CA ALA A 102 -4.33 17.26 -1.75
C ALA A 102 -4.43 16.51 -0.42
N THR A 103 -3.62 16.86 0.60
CA THR A 103 -3.66 16.03 1.83
C THR A 103 -4.44 16.71 2.93
N LYS A 104 -5.65 16.24 3.17
CA LYS A 104 -6.53 16.82 4.18
C LYS A 104 -6.03 16.33 5.55
N ILE A 105 -5.69 15.07 5.65
CA ILE A 105 -5.36 14.46 6.96
C ILE A 105 -3.92 14.00 6.96
N LYS A 106 -3.18 14.38 7.97
CA LYS A 106 -1.73 14.01 8.05
C LYS A 106 -1.39 13.35 9.37
N TYR A 107 -0.60 12.30 9.33
CA TYR A 107 -0.10 11.64 10.57
C TYR A 107 1.43 11.81 10.73
N MET A 108 1.87 12.04 11.95
CA MET A 108 3.33 12.22 12.06
C MET A 108 3.78 12.01 13.49
N THR A 109 5.09 11.88 13.66
CA THR A 109 5.78 11.73 14.96
C THR A 109 5.95 13.10 15.60
N ASP A 110 6.27 13.14 16.89
CA ASP A 110 6.46 14.44 17.58
C ASP A 110 7.63 15.19 16.95
N GLY A 111 8.70 14.49 16.57
CA GLY A 111 9.86 15.19 16.04
C GLY A 111 9.51 15.99 14.79
N MET A 112 8.74 15.43 13.87
CA MET A 112 8.40 16.18 12.64
C MET A 112 7.59 17.41 13.03
N LEU A 113 6.64 17.25 13.92
CA LEU A 113 5.87 18.45 14.34
C LEU A 113 6.80 19.53 14.89
N GLN A 114 7.79 19.15 15.67
CA GLN A 114 8.77 20.11 16.26
C GLN A 114 9.50 20.82 15.12
N ARG A 115 9.91 20.07 14.09
CA ARG A 115 10.56 20.72 12.90
C ARG A 115 9.52 21.65 12.25
N GLU A 116 8.28 21.16 12.07
CA GLU A 116 7.20 21.94 11.41
C GLU A 116 6.84 23.21 12.21
N ILE A 117 6.76 23.12 13.53
CA ILE A 117 6.35 24.29 14.37
C ILE A 117 7.47 25.33 14.33
N LEU A 118 8.72 24.90 14.23
CA LEU A 118 9.90 25.84 14.24
C LEU A 118 9.80 26.70 12.99
N MET A 119 9.44 26.10 11.87
CA MET A 119 9.30 26.82 10.57
C MET A 119 8.14 27.81 10.66
N ASP A 120 7.04 27.43 11.31
CA ASP A 120 5.89 28.37 11.48
C ASP A 120 5.30 28.21 12.87
N PRO A 121 5.74 29.00 13.86
CA PRO A 121 5.18 28.92 15.22
C PRO A 121 3.67 29.10 15.39
N ASP A 122 2.97 29.40 14.30
CA ASP A 122 1.50 29.55 14.30
C ASP A 122 0.81 28.37 13.60
N LEU A 123 1.56 27.60 12.81
CA LEU A 123 1.10 26.36 12.14
C LEU A 123 -0.16 26.66 11.32
N LYS A 124 -0.04 27.64 10.45
CA LYS A 124 -1.19 28.16 9.69
C LYS A 124 -1.73 27.13 8.70
N ARG A 125 -0.83 26.30 8.22
CA ARG A 125 -1.14 25.21 7.29
C ARG A 125 -2.08 24.21 7.94
N TYR A 126 -2.24 24.25 9.26
CA TYR A 126 -3.06 23.25 9.99
C TYR A 126 -4.28 23.96 10.56
N SER A 127 -5.41 23.29 10.56
CA SER A 127 -6.68 23.74 11.19
C SER A 127 -6.79 23.11 12.57
N VAL A 128 -6.37 21.86 12.74
CA VAL A 128 -6.48 21.20 14.06
C VAL A 128 -5.29 20.28 14.25
N ILE A 129 -4.73 20.31 15.45
CA ILE A 129 -3.57 19.46 15.83
C ILE A 129 -3.93 18.58 17.00
N MET A 130 -3.79 17.27 16.80
CA MET A 130 -4.15 16.27 17.81
C MET A 130 -2.92 15.46 18.18
N LEU A 131 -2.65 15.29 19.47
CA LEU A 131 -1.47 14.49 19.88
C LEU A 131 -1.98 13.22 20.54
N ASP A 132 -1.86 12.08 19.87
CA ASP A 132 -2.33 10.77 20.40
C ASP A 132 -1.21 9.98 21.07
N GLU A 133 -0.78 10.40 22.26
CA GLU A 133 0.27 9.66 22.99
C GLU A 133 -0.18 9.67 24.47
N ALA A 134 -1.17 8.83 24.78
CA ALA A 134 -1.72 8.80 26.16
C ALA A 134 -0.65 8.13 27.01
N HIS A 135 -0.10 7.05 26.46
CA HIS A 135 1.00 6.22 27.01
C HIS A 135 2.20 6.45 26.10
N GLU A 136 3.39 6.17 26.62
CA GLU A 136 4.68 6.28 25.90
C GLU A 136 4.88 7.76 25.43
N ARG A 137 4.52 8.69 26.31
CA ARG A 137 4.82 10.12 26.14
C ARG A 137 6.24 10.40 26.59
N THR A 138 6.91 11.27 25.84
CA THR A 138 8.30 11.68 26.07
C THR A 138 8.30 13.13 26.51
N ILE A 139 9.47 13.71 26.61
CA ILE A 139 9.69 15.16 26.90
C ILE A 139 9.50 15.95 25.61
N ALA A 140 9.80 15.39 24.44
CA ALA A 140 9.65 16.11 23.16
C ALA A 140 8.17 16.35 22.99
N THR A 141 7.37 15.38 23.44
CA THR A 141 5.90 15.56 23.45
C THR A 141 5.55 16.67 24.44
N ASP A 142 6.09 16.62 25.67
CA ASP A 142 5.83 17.74 26.62
C ASP A 142 6.21 19.14 26.17
N VAL A 143 7.25 19.25 25.38
CA VAL A 143 7.72 20.56 24.84
C VAL A 143 6.65 21.08 23.91
N LEU A 144 6.06 20.18 23.12
CA LEU A 144 5.00 20.49 22.14
C LEU A 144 3.82 21.13 22.88
N PHE A 145 3.44 20.54 24.02
CA PHE A 145 2.30 21.03 24.81
C PHE A 145 2.47 22.50 25.10
N ALA A 146 3.61 22.90 25.62
CA ALA A 146 3.91 24.28 25.99
C ALA A 146 3.91 25.16 24.75
N LEU A 147 4.42 24.63 23.62
CA LEU A 147 4.46 25.42 22.39
C LEU A 147 3.05 25.64 21.83
N LEU A 148 2.23 24.61 21.91
CA LEU A 148 0.83 24.66 21.38
C LEU A 148 0.00 25.56 22.29
N LYS A 149 0.30 25.60 23.57
CA LYS A 149 -0.41 26.48 24.54
C LYS A 149 -0.19 27.94 24.14
N LYS A 150 1.02 28.28 23.74
CA LYS A 150 1.33 29.65 23.27
C LYS A 150 0.72 29.86 21.88
N THR A 151 0.81 28.86 21.01
CA THR A 151 0.31 28.94 19.62
C THR A 151 -1.19 29.25 19.63
N VAL A 152 -1.89 28.65 20.57
CA VAL A 152 -3.35 28.78 20.75
C VAL A 152 -3.73 30.19 21.15
N LYS A 153 -2.85 30.97 21.73
CA LYS A 153 -3.15 32.32 22.25
C LYS A 153 -2.98 33.31 21.11
N ARG A 154 -2.44 32.89 19.99
CA ARG A 154 -2.20 33.75 18.82
C ARG A 154 -2.99 33.31 17.59
N ARG A 155 -3.52 32.11 17.62
CA ARG A 155 -4.40 31.56 16.56
C ARG A 155 -5.63 30.88 17.21
N PRO A 156 -6.68 31.65 17.54
CA PRO A 156 -7.89 31.10 18.14
C PRO A 156 -8.64 30.02 17.35
N ASP A 157 -8.66 30.13 16.02
CA ASP A 157 -9.38 29.17 15.18
C ASP A 157 -8.80 27.77 15.32
N LEU A 158 -7.50 27.68 15.63
CA LEU A 158 -6.79 26.41 15.81
C LEU A 158 -7.48 25.61 16.91
N LYS A 159 -7.72 24.33 16.63
CA LYS A 159 -8.24 23.35 17.61
C LYS A 159 -7.12 22.39 18.01
N VAL A 160 -6.96 22.15 19.30
CA VAL A 160 -5.97 21.17 19.81
C VAL A 160 -6.67 20.04 20.57
N ILE A 161 -6.49 18.79 20.11
CA ILE A 161 -7.02 17.62 20.83
C ILE A 161 -5.82 16.95 21.47
N VAL A 162 -5.94 16.52 22.69
CA VAL A 162 -4.82 15.88 23.44
C VAL A 162 -5.35 14.64 24.08
N THR A 163 -5.04 13.45 23.60
CA THR A 163 -5.50 12.21 24.25
C THR A 163 -4.76 12.01 25.55
N SER A 164 -5.36 11.24 26.46
CA SER A 164 -4.79 11.04 27.80
C SER A 164 -5.21 9.67 28.36
N ALA A 165 -4.40 9.18 29.28
CA ALA A 165 -4.86 8.06 30.13
C ALA A 165 -5.81 8.61 31.18
N THR A 166 -6.62 7.75 31.78
CA THR A 166 -7.61 8.19 32.81
C THR A 166 -6.90 8.79 34.02
N LEU A 167 -5.79 8.19 34.42
CA LEU A 167 -5.02 8.73 35.55
C LEU A 167 -4.38 10.05 35.18
N ASP A 168 -3.85 10.17 33.97
CA ASP A 168 -3.16 11.40 33.53
C ASP A 168 -4.12 12.51 33.13
N ALA A 169 -5.38 12.17 32.85
CA ALA A 169 -6.42 13.10 32.36
C ALA A 169 -6.56 14.41 33.15
N GLU A 170 -6.79 14.32 34.45
CA GLU A 170 -7.10 15.54 35.23
C GLU A 170 -5.90 16.45 35.25
N LYS A 171 -4.69 15.90 35.30
CA LYS A 171 -3.47 16.72 35.32
C LYS A 171 -3.36 17.55 34.04
N PHE A 172 -3.68 16.90 32.93
CA PHE A 172 -3.69 17.58 31.60
C PHE A 172 -4.70 18.73 31.61
N SER A 173 -5.89 18.50 32.14
CA SER A 173 -6.95 19.53 32.10
C SER A 173 -6.47 20.73 32.89
N GLU A 174 -5.91 20.54 34.08
CA GLU A 174 -5.43 21.67 34.93
C GLU A 174 -4.38 22.46 34.16
N TYR A 175 -3.50 21.75 33.47
CA TYR A 175 -2.40 22.40 32.71
C TYR A 175 -2.97 23.24 31.59
N PHE A 176 -3.89 22.63 30.84
CA PHE A 176 -4.49 23.34 29.66
C PHE A 176 -5.69 24.17 30.11
N ASN A 177 -5.46 25.17 30.95
CA ASN A 177 -6.44 26.21 31.35
C ASN A 177 -7.81 25.65 31.76
N SER A 178 -7.85 24.51 32.45
CA SER A 178 -9.08 23.87 32.97
C SER A 178 -10.11 23.63 31.87
N CYS A 179 -9.64 23.06 30.78
CA CYS A 179 -10.45 22.68 29.61
C CYS A 179 -11.11 21.32 29.84
N PRO A 180 -12.24 21.02 29.16
CA PRO A 180 -13.02 19.80 29.42
C PRO A 180 -12.36 18.46 29.09
N ILE A 181 -12.76 17.41 29.81
CA ILE A 181 -12.24 16.06 29.54
C ILE A 181 -13.36 15.19 28.97
N PHE A 182 -13.38 15.09 27.65
CA PHE A 182 -14.32 14.17 26.96
C PHE A 182 -13.88 12.71 27.11
N THR A 183 -14.80 11.81 27.43
CA THR A 183 -14.42 10.39 27.72
C THR A 183 -15.19 9.38 26.85
N ILE A 184 -14.51 8.34 26.41
CA ILE A 184 -15.02 7.42 25.37
C ILE A 184 -14.90 6.01 25.92
N PRO A 185 -16.00 5.42 26.46
CA PRO A 185 -16.01 4.00 26.82
C PRO A 185 -15.91 3.07 25.60
N PRO A 190 -13.51 -7.16 30.13
CA PRO A 190 -13.51 -7.25 31.61
C PRO A 190 -12.62 -8.35 32.18
N VAL A 191 -11.63 -7.94 32.96
CA VAL A 191 -10.63 -8.88 33.52
C VAL A 191 -10.43 -8.69 35.02
N GLU A 192 -10.17 -9.80 35.70
CA GLU A 192 -9.94 -9.80 37.16
C GLU A 192 -8.44 -9.73 37.40
N ILE A 193 -8.05 -8.88 38.30
CA ILE A 193 -6.61 -8.70 38.61
C ILE A 193 -6.31 -9.42 39.93
N LEU A 194 -5.33 -10.28 39.91
CA LEU A 194 -4.90 -11.12 41.06
C LEU A 194 -3.53 -10.70 41.57
N TYR A 195 -3.39 -10.70 42.89
CA TYR A 195 -2.18 -10.24 43.58
C TYR A 195 -1.60 -11.37 44.46
N SER A 196 -0.46 -11.08 45.04
CA SER A 196 0.26 -12.00 45.94
C SER A 196 0.31 -11.44 47.36
N ARG A 197 0.10 -12.31 48.35
CA ARG A 197 -0.07 -11.87 49.76
C ARG A 197 1.22 -11.24 50.30
N GLU A 198 2.38 -11.84 50.03
CA GLU A 198 3.69 -11.29 50.45
C GLU A 198 4.59 -11.08 49.23
N PRO A 199 5.39 -9.99 49.18
CA PRO A 199 6.22 -9.67 48.01
C PRO A 199 7.16 -10.85 47.71
N GLU A 200 6.99 -11.49 46.55
CA GLU A 200 7.86 -12.62 46.17
C GLU A 200 9.33 -12.16 46.23
N PRO A 201 10.22 -12.93 46.90
CA PRO A 201 11.65 -12.62 46.86
C PRO A 201 12.24 -12.64 45.44
N ASP A 202 11.84 -13.62 44.64
CA ASP A 202 12.39 -13.81 43.28
C ASP A 202 11.26 -13.62 42.27
N TYR A 203 11.33 -12.54 41.49
CA TYR A 203 10.23 -12.20 40.54
C TYR A 203 10.25 -13.18 39.37
N LEU A 204 11.45 -13.61 38.97
CA LEU A 204 11.61 -14.52 37.82
C LEU A 204 11.06 -15.90 38.15
N GLU A 205 11.42 -16.44 39.32
CA GLU A 205 10.92 -17.76 39.75
C GLU A 205 9.41 -17.74 39.91
N ALA A 206 8.88 -16.68 40.54
CA ALA A 206 7.44 -16.50 40.76
C ALA A 206 6.71 -16.51 39.41
N ALA A 207 7.27 -15.77 38.44
CA ALA A 207 6.60 -15.54 37.16
C ALA A 207 6.59 -16.84 36.36
N LEU A 208 7.66 -17.59 36.40
CA LEU A 208 7.73 -18.90 35.70
C LEU A 208 6.76 -19.88 36.32
N THR A 209 6.72 -19.99 37.65
CA THR A 209 5.80 -20.90 38.37
C THR A 209 4.36 -20.53 37.99
N THR A 210 4.10 -19.24 37.91
CA THR A 210 2.81 -18.64 37.52
C THR A 210 2.42 -19.07 36.08
N VAL A 211 3.38 -18.99 35.18
CA VAL A 211 3.20 -19.49 33.78
C VAL A 211 3.00 -21.00 33.83
N MET A 212 3.62 -21.71 34.78
CA MET A 212 3.47 -23.17 34.75
C MET A 212 2.04 -23.58 35.19
N GLN A 213 1.51 -22.96 36.24
CA GLN A 213 0.23 -23.32 36.85
C GLN A 213 -0.89 -22.96 35.88
N ILE A 214 -0.76 -21.84 35.20
CA ILE A 214 -1.78 -21.28 34.28
C ILE A 214 -1.87 -22.14 33.03
N HIS A 215 -0.76 -22.74 32.60
CA HIS A 215 -0.78 -23.55 31.35
C HIS A 215 -1.64 -24.77 31.57
N LEU A 216 -1.49 -25.43 32.71
CA LEU A 216 -2.23 -26.68 32.98
C LEU A 216 -3.55 -26.39 33.71
N THR A 217 -3.49 -25.63 34.81
CA THR A 217 -4.66 -25.41 35.71
C THR A 217 -5.34 -24.07 35.48
N GLU A 218 -6.02 -23.93 34.34
CA GLU A 218 -6.82 -22.77 33.87
C GLU A 218 -7.49 -23.16 32.54
N PRO A 219 -8.62 -22.51 32.14
CA PRO A 219 -9.15 -22.65 30.78
C PRO A 219 -8.22 -22.16 29.66
N PRO A 220 -8.38 -22.61 28.38
CA PRO A 220 -7.45 -22.21 27.30
C PRO A 220 -7.43 -20.71 27.00
N GLY A 221 -6.25 -20.14 26.98
CA GLY A 221 -6.01 -18.76 26.59
C GLY A 221 -4.52 -18.66 26.37
N ASP A 222 -4.10 -17.57 25.77
CA ASP A 222 -2.66 -17.31 25.52
C ASP A 222 -2.08 -16.39 26.58
N ILE A 223 -0.85 -16.67 27.03
CA ILE A 223 -0.25 -15.94 28.19
C ILE A 223 0.82 -14.94 27.69
N LEU A 224 0.79 -13.72 28.24
CA LEU A 224 1.78 -12.68 27.89
C LEU A 224 2.51 -12.30 29.16
N VAL A 225 3.83 -12.44 29.17
CA VAL A 225 4.69 -12.17 30.36
C VAL A 225 5.62 -10.99 30.03
N PHE A 226 5.93 -10.18 31.01
CA PHE A 226 6.89 -9.07 30.78
C PHE A 226 8.14 -9.26 31.61
N LEU A 227 9.35 -9.10 31.02
CA LEU A 227 10.56 -9.24 31.85
C LEU A 227 11.44 -8.01 31.69
N THR A 228 12.52 -7.99 32.45
CA THR A 228 13.45 -6.83 32.44
C THR A 228 14.63 -6.99 31.47
N GLY A 229 15.34 -8.12 31.51
CA GLY A 229 16.60 -8.27 30.79
C GLY A 229 16.65 -9.49 29.89
N GLN A 230 17.60 -9.48 28.98
CA GLN A 230 17.82 -10.60 28.02
C GLN A 230 18.18 -11.90 28.75
N GLU A 231 19.06 -11.83 29.73
CA GLU A 231 19.47 -13.04 30.48
C GLU A 231 18.29 -13.64 31.24
N GLU A 232 17.41 -12.81 31.79
CA GLU A 232 16.13 -13.27 32.37
C GLU A 232 15.27 -14.01 31.34
N ILE A 233 15.22 -13.51 30.12
CA ILE A 233 14.39 -14.08 29.04
C ILE A 233 14.96 -15.46 28.69
N ASP A 234 16.26 -15.55 28.52
CA ASP A 234 16.96 -16.76 28.07
C ASP A 234 16.80 -17.83 29.16
N THR A 235 16.96 -17.43 30.41
CA THR A 235 16.83 -18.33 31.57
C THR A 235 15.41 -18.86 31.62
N ALA A 236 14.42 -17.99 31.39
CA ALA A 236 13.01 -18.39 31.38
C ALA A 236 12.71 -19.37 30.26
N CYS A 237 13.29 -19.16 29.07
CA CYS A 237 13.05 -20.08 27.94
C CYS A 237 13.58 -21.48 28.27
N GLU A 238 14.79 -21.56 28.83
CA GLU A 238 15.39 -22.88 29.21
C GLU A 238 14.58 -23.57 30.30
N ILE A 239 14.19 -22.84 31.33
CA ILE A 239 13.45 -23.39 32.51
C ILE A 239 12.10 -23.92 32.05
N LEU A 240 11.41 -23.13 31.22
CA LEU A 240 10.06 -23.51 30.75
C LEU A 240 10.17 -24.71 29.83
N TYR A 241 11.22 -24.80 28.99
CA TYR A 241 11.41 -25.98 28.12
C TYR A 241 11.63 -27.25 28.95
N GLU A 242 12.43 -27.11 30.02
CA GLU A 242 12.84 -28.27 30.85
C GLU A 242 11.61 -28.81 31.57
N ARG A 243 10.81 -27.88 32.13
CA ARG A 243 9.58 -28.26 32.88
C ARG A 243 8.50 -28.79 31.95
N MET A 244 8.33 -28.23 30.76
CA MET A 244 7.35 -28.78 29.80
C MET A 244 7.73 -30.18 29.35
N LYS A 245 9.00 -30.48 29.06
CA LYS A 245 9.37 -31.84 28.62
C LYS A 245 9.27 -32.81 29.79
N ALA A 246 9.64 -32.40 31.01
CA ALA A 246 9.56 -33.36 32.13
C ALA A 246 8.10 -33.66 32.49
N LEU A 247 7.21 -32.68 32.28
CA LEU A 247 5.79 -32.79 32.69
C LEU A 247 5.15 -34.04 32.06
N GLY A 248 5.31 -34.25 30.75
CA GLY A 248 4.79 -35.47 30.07
C GLY A 248 4.26 -35.24 28.65
N PRO A 249 4.09 -36.31 27.85
CA PRO A 249 3.62 -36.22 26.46
C PRO A 249 2.13 -35.91 26.30
N SER A 250 1.29 -36.37 27.23
CA SER A 250 -0.18 -36.09 27.32
C SER A 250 -0.45 -34.59 27.40
N VAL A 251 0.39 -33.88 28.16
CA VAL A 251 0.26 -32.42 28.46
C VAL A 251 0.26 -31.67 27.13
N PRO A 252 -0.68 -30.70 26.89
CA PRO A 252 -0.64 -29.90 25.65
C PRO A 252 0.68 -29.15 25.46
N GLU A 253 1.17 -29.11 24.22
CA GLU A 253 2.45 -28.44 23.92
C GLU A 253 2.36 -26.94 24.22
N LEU A 254 3.42 -26.39 24.81
CA LEU A 254 3.46 -24.94 25.10
C LEU A 254 4.44 -24.30 24.11
N ILE A 255 3.93 -23.51 23.18
CA ILE A 255 4.81 -22.79 22.23
C ILE A 255 5.29 -21.50 22.90
N ILE A 256 6.59 -21.43 23.16
CA ILE A 256 7.19 -20.31 23.92
C ILE A 256 8.07 -19.49 22.97
N LEU A 257 7.67 -18.22 22.78
CA LEU A 257 8.43 -17.30 21.89
C LEU A 257 8.76 -16.00 22.63
N PRO A 258 10.05 -15.60 22.65
CA PRO A 258 10.44 -14.31 23.22
C PRO A 258 10.49 -13.18 22.20
N ILE A 259 10.41 -11.95 22.72
CA ILE A 259 10.44 -10.73 21.87
C ILE A 259 11.33 -9.65 22.49
N TYR A 260 12.33 -9.19 21.75
CA TYR A 260 13.22 -8.11 22.20
C TYR A 260 13.40 -7.11 21.06
N SER A 261 12.42 -6.22 20.91
CA SER A 261 12.30 -5.36 19.71
C SER A 261 13.38 -4.28 19.74
N SER A 279 -2.83 -27.24 22.21
CA SER A 279 -1.53 -26.55 22.47
C SER A 279 -1.74 -25.05 22.75
N ARG A 280 -0.84 -24.44 23.52
CA ARG A 280 -1.06 -23.10 24.10
C ARG A 280 0.16 -22.24 23.78
N LYS A 281 -0.01 -20.93 23.73
CA LYS A 281 1.08 -20.00 23.30
C LYS A 281 1.45 -19.10 24.46
N VAL A 282 2.74 -18.95 24.71
CA VAL A 282 3.29 -18.03 25.74
C VAL A 282 4.22 -17.05 25.05
N VAL A 283 4.04 -15.77 25.29
CA VAL A 283 4.91 -14.70 24.73
C VAL A 283 5.58 -13.92 25.85
N ILE A 284 6.88 -13.74 25.78
CA ILE A 284 7.68 -13.04 26.82
C ILE A 284 8.35 -11.81 26.20
N ALA A 285 8.11 -10.63 26.72
CA ALA A 285 8.73 -9.43 26.15
C ALA A 285 9.22 -8.47 27.24
N THR A 286 10.08 -7.56 26.82
CA THR A 286 10.58 -6.49 27.70
C THR A 286 9.74 -5.24 27.49
N ASN A 287 10.12 -4.19 28.23
CA ASN A 287 9.38 -2.89 28.13
C ASN A 287 9.45 -2.29 26.72
N ILE A 288 10.63 -2.39 26.08
CA ILE A 288 10.84 -1.89 24.70
C ILE A 288 9.74 -2.43 23.78
N ALA A 289 9.48 -3.74 23.92
CA ALA A 289 8.50 -4.47 23.10
C ALA A 289 7.06 -4.21 23.53
N GLU A 290 6.82 -3.92 24.81
CA GLU A 290 5.43 -3.84 25.31
C GLU A 290 4.71 -2.67 24.63
N THR A 291 5.46 -1.61 24.34
CA THR A 291 4.92 -0.37 23.74
C THR A 291 4.57 -0.61 22.29
N SER A 292 5.03 -1.70 21.69
CA SER A 292 4.87 -1.91 20.24
C SER A 292 4.34 -3.32 19.93
N ILE A 293 3.17 -3.66 20.46
CA ILE A 293 2.60 -5.01 20.24
C ILE A 293 1.09 -4.92 20.42
N THR A 294 0.37 -5.50 19.48
CA THR A 294 -1.11 -5.56 19.47
C THR A 294 -1.59 -7.00 19.29
N ILE A 295 -0.91 -7.94 19.93
CA ILE A 295 -1.18 -9.39 19.76
C ILE A 295 -2.56 -9.68 20.36
N ASP A 296 -3.33 -10.47 19.62
CA ASP A 296 -4.70 -10.81 19.99
C ASP A 296 -4.71 -12.24 20.50
N TYR A 297 -5.88 -12.63 20.98
CA TYR A 297 -6.23 -13.97 21.55
C TYR A 297 -5.40 -14.29 22.77
N ILE A 298 -5.05 -13.30 23.56
CA ILE A 298 -4.34 -13.56 24.84
C ILE A 298 -5.35 -13.28 25.95
N TYR A 299 -5.59 -14.25 26.79
CA TYR A 299 -6.52 -14.07 27.91
C TYR A 299 -5.76 -13.88 29.23
N TYR A 300 -4.46 -13.93 29.24
CA TYR A 300 -3.73 -13.90 30.52
C TYR A 300 -2.49 -13.04 30.37
N VAL A 301 -2.24 -12.24 31.39
CA VAL A 301 -1.04 -11.36 31.52
C VAL A 301 -0.39 -11.62 32.87
N VAL A 302 0.91 -11.87 32.84
CA VAL A 302 1.78 -11.93 34.03
C VAL A 302 2.53 -10.61 34.13
N ASP A 303 2.37 -9.91 35.23
CA ASP A 303 2.89 -8.53 35.42
C ASP A 303 3.87 -8.51 36.58
N PRO A 304 5.16 -8.76 36.35
CA PRO A 304 6.14 -8.64 37.44
C PRO A 304 6.29 -7.23 38.03
N GLY A 305 5.93 -6.21 37.23
CA GLY A 305 5.79 -4.82 37.68
C GLY A 305 7.07 -4.30 38.28
N PHE A 306 8.13 -4.27 37.49
CA PHE A 306 9.49 -3.89 37.93
C PHE A 306 10.44 -3.74 36.72
N VAL A 307 10.69 -2.50 36.35
CA VAL A 307 11.67 -2.21 35.27
C VAL A 307 12.72 -1.20 35.77
N PRO A 325 10.38 -0.64 38.86
CA PRO A 325 8.97 -0.32 39.24
C PRO A 325 8.23 0.41 38.13
N ILE A 326 6.97 0.04 37.91
CA ILE A 326 6.17 0.70 36.86
C ILE A 326 5.15 1.63 37.51
N SER A 327 4.22 2.14 36.72
CA SER A 327 3.19 3.06 37.23
C SER A 327 1.82 2.38 37.16
N GLN A 328 0.86 2.96 37.89
CA GLN A 328 -0.50 2.37 37.93
C GLN A 328 -1.10 2.43 36.53
N ALA A 329 -0.95 3.55 35.82
CA ALA A 329 -1.49 3.72 34.46
C ALA A 329 -0.90 2.65 33.52
N GLN A 330 0.40 2.39 33.67
CA GLN A 330 1.09 1.40 32.85
C GLN A 330 0.57 0.01 33.22
N ALA A 331 0.42 -0.24 34.52
CA ALA A 331 -0.07 -1.55 35.00
C ALA A 331 -1.49 -1.82 34.52
N ASN A 332 -2.32 -0.77 34.49
CA ASN A 332 -3.72 -0.87 34.06
C ASN A 332 -3.75 -1.13 32.55
N GLN A 333 -2.90 -0.43 31.80
CA GLN A 333 -2.81 -0.60 30.34
C GLN A 333 -2.45 -2.07 30.04
N ARG A 334 -1.51 -2.58 30.80
CA ARG A 334 -1.00 -3.97 30.69
C ARG A 334 -2.16 -4.95 30.99
N ALA A 335 -2.94 -4.65 32.04
CA ALA A 335 -4.07 -5.51 32.46
C ALA A 335 -5.09 -5.64 31.32
N GLY A 336 -5.34 -4.50 30.67
CA GLY A 336 -6.31 -4.36 29.56
C GLY A 336 -5.99 -5.28 28.39
N ARG A 337 -4.70 -5.41 28.07
CA ARG A 337 -4.20 -6.27 26.98
C ARG A 337 -4.76 -7.70 27.04
N ALA A 338 -4.97 -8.23 28.24
CA ALA A 338 -5.71 -9.50 28.42
C ALA A 338 -7.16 -9.40 27.90
N GLY A 339 -7.78 -8.25 28.17
CA GLY A 339 -9.19 -8.02 27.80
C GLY A 339 -9.39 -7.72 26.33
N ARG A 340 -8.35 -7.83 25.51
CA ARG A 340 -8.44 -7.44 24.09
C ARG A 340 -9.39 -8.35 23.33
N THR A 341 -9.23 -9.66 23.46
CA THR A 341 -10.00 -10.60 22.62
C THR A 341 -11.26 -11.04 23.34
N GLY A 342 -11.10 -11.51 24.58
CA GLY A 342 -12.25 -11.82 25.43
C GLY A 342 -11.89 -11.49 26.87
N PRO A 343 -12.74 -11.93 27.82
CA PRO A 343 -12.43 -11.90 29.24
C PRO A 343 -11.14 -12.64 29.60
N GLY A 344 -10.78 -12.52 30.86
CA GLY A 344 -9.44 -13.03 31.26
C GLY A 344 -8.94 -12.50 32.57
N LYS A 345 -7.67 -12.74 32.88
CA LYS A 345 -7.10 -12.51 34.22
C LYS A 345 -5.76 -11.82 34.07
N CYS A 346 -5.37 -11.03 35.06
CA CYS A 346 -4.00 -10.44 35.10
C CYS A 346 -3.32 -10.80 36.41
N PHE A 347 -2.07 -11.22 36.36
CA PHE A 347 -1.37 -11.66 37.59
C PHE A 347 -0.21 -10.74 37.98
N ARG A 348 -0.49 -9.77 38.83
CA ARG A 348 0.53 -8.79 39.25
C ARG A 348 1.29 -9.36 40.43
N LEU A 349 2.64 -9.40 40.32
CA LEU A 349 3.45 -10.10 41.36
C LEU A 349 3.93 -9.17 42.49
N TYR A 350 2.98 -8.40 43.04
CA TYR A 350 3.33 -7.47 44.13
C TYR A 350 2.09 -7.20 44.98
N THR A 351 2.33 -6.82 46.23
CA THR A 351 1.23 -6.47 47.19
C THR A 351 0.30 -5.38 46.65
N GLU A 352 -0.99 -5.43 46.93
CA GLU A 352 -1.94 -4.36 46.52
C GLU A 352 -1.45 -3.02 47.07
N ALA A 353 -1.13 -2.99 48.37
CA ALA A 353 -0.56 -1.82 49.05
C ALA A 353 0.53 -1.19 48.19
N ALA A 354 1.36 -2.04 47.61
CA ALA A 354 2.40 -1.63 46.64
C ALA A 354 1.79 -0.82 45.48
N TYR A 355 0.66 -1.27 44.99
CA TYR A 355 -0.02 -0.63 43.83
C TYR A 355 -0.46 0.78 44.24
N GLN A 356 -0.97 0.89 45.45
CA GLN A 356 -1.54 2.15 45.96
C GLN A 356 -0.46 2.92 46.71
N SER A 357 0.72 2.35 46.98
CA SER A 357 1.72 3.08 47.80
C SER A 357 3.04 3.25 47.06
N GLU A 358 3.69 2.18 46.69
CA GLU A 358 5.00 2.31 45.98
C GLU A 358 4.84 2.32 44.45
N MET A 359 3.76 2.89 43.98
CA MET A 359 3.49 3.06 42.55
C MET A 359 2.73 4.36 42.41
N LEU A 360 3.21 5.24 41.53
CA LEU A 360 2.51 6.50 41.23
C LEU A 360 1.58 6.24 40.06
N PRO A 361 0.37 6.83 40.03
CA PRO A 361 -0.49 6.68 38.85
C PRO A 361 0.04 7.37 37.58
N THR A 362 0.30 8.67 37.73
CA THR A 362 0.74 9.55 36.61
C THR A 362 1.98 8.99 35.91
N THR A 363 1.94 9.03 34.59
CA THR A 363 3.03 8.57 33.72
C THR A 363 4.28 9.44 33.96
N ILE A 364 5.43 8.78 33.99
CA ILE A 364 6.75 9.48 33.99
C ILE A 364 7.23 9.58 32.55
N PRO A 365 7.42 10.79 31.97
CA PRO A 365 7.81 10.90 30.57
C PRO A 365 9.18 10.28 30.31
N ASP A 366 9.27 9.44 29.28
CA ASP A 366 10.52 8.74 28.94
C ASP A 366 11.50 9.72 28.33
N ILE A 367 12.72 9.81 28.86
CA ILE A 367 13.70 10.81 28.33
C ILE A 367 14.73 10.04 27.51
N GLN A 368 14.97 10.42 26.27
CA GLN A 368 16.08 9.85 25.45
C GLN A 368 17.15 10.93 25.44
N ARG A 369 18.36 10.58 25.81
CA ARG A 369 19.48 11.57 25.89
C ARG A 369 19.74 12.31 24.56
N GLN A 370 19.75 11.57 23.46
CA GLN A 370 20.02 12.16 22.11
C GLN A 370 18.80 12.90 21.57
N ASN A 371 17.61 12.41 21.88
CA ASN A 371 16.39 13.10 21.43
C ASN A 371 16.26 14.43 22.16
N LEU A 372 16.59 14.43 23.44
CA LEU A 372 16.50 15.68 24.23
C LEU A 372 17.45 16.75 23.67
N ALA A 373 18.67 16.39 23.32
CA ALA A 373 19.64 17.34 22.68
C ALA A 373 19.03 17.98 21.43
N ASN A 374 18.42 17.14 20.61
CA ASN A 374 17.71 17.55 19.37
C ASN A 374 16.61 18.52 19.72
N THR A 375 15.78 18.18 20.69
CA THR A 375 14.66 19.06 21.13
C THR A 375 15.19 20.43 21.58
N ILE A 376 16.23 20.43 22.41
CA ILE A 376 16.80 21.68 22.95
C ILE A 376 17.37 22.52 21.82
N LEU A 377 18.03 21.88 20.84
CA LEU A 377 18.61 22.57 19.68
C LEU A 377 17.51 23.30 18.91
N LEU A 378 16.40 22.62 18.71
CA LEU A 378 15.27 23.20 17.95
C LEU A 378 14.69 24.41 18.72
N LEU A 379 14.52 24.24 20.01
CA LEU A 379 13.96 25.28 20.88
C LEU A 379 14.86 26.49 20.84
N LYS A 380 16.16 26.33 20.83
CA LYS A 380 17.08 27.47 20.76
C LYS A 380 16.98 28.10 19.37
N ALA A 381 16.63 27.32 18.35
CA ALA A 381 16.44 27.84 16.99
C ALA A 381 15.15 28.60 16.87
N MET A 382 14.23 28.49 17.80
CA MET A 382 13.02 29.35 17.88
C MET A 382 13.30 30.59 18.71
N GLY A 383 14.48 30.67 19.30
CA GLY A 383 14.84 31.82 20.13
C GLY A 383 14.34 31.66 21.55
N ILE A 384 14.09 30.43 21.94
CA ILE A 384 13.59 30.06 23.28
C ILE A 384 14.76 29.49 24.06
N ASN A 385 15.42 30.32 24.84
CA ASN A 385 16.43 29.80 25.82
C ASN A 385 15.73 29.71 27.16
N ASP A 386 16.45 29.70 28.26
CA ASP A 386 15.78 29.80 29.60
C ASP A 386 14.91 28.57 29.86
N LEU A 387 15.52 27.40 29.97
CA LEU A 387 14.79 26.16 30.20
C LEU A 387 14.22 26.06 31.61
N LEU A 388 14.73 26.86 32.53
CA LEU A 388 14.31 26.81 33.94
C LEU A 388 12.89 27.37 34.11
N ARG A 389 12.60 28.44 33.40
CA ARG A 389 11.27 29.11 33.54
C ARG A 389 10.34 28.61 32.44
N PHE A 390 10.78 27.68 31.61
CA PHE A 390 10.00 27.16 30.47
C PHE A 390 8.80 26.42 31.01
N ASP A 391 7.69 26.50 30.28
CA ASP A 391 6.39 26.01 30.80
C ASP A 391 6.29 24.50 30.62
N PHE A 392 7.16 23.74 31.24
CA PHE A 392 7.16 22.28 31.11
C PHE A 392 6.05 21.72 32.00
N MET A 393 5.25 20.79 31.48
CA MET A 393 4.16 20.23 32.30
C MET A 393 4.77 19.28 33.33
N ASP A 394 5.74 18.48 32.91
CA ASP A 394 6.51 17.60 33.82
C ASP A 394 7.96 18.04 33.71
N PRO A 395 8.50 18.72 34.75
CA PRO A 395 9.85 19.27 34.67
C PRO A 395 10.89 18.16 34.52
N PRO A 396 11.80 18.21 33.50
CA PRO A 396 12.81 17.15 33.37
C PRO A 396 13.83 17.36 34.48
N PRO A 397 14.53 16.28 34.96
CA PRO A 397 15.64 16.46 35.89
C PRO A 397 16.69 17.40 35.27
N VAL A 398 17.28 18.23 36.10
CA VAL A 398 18.29 19.24 35.71
C VAL A 398 19.50 18.53 35.10
N ASN A 399 19.88 17.35 35.58
CA ASN A 399 21.07 16.68 35.02
C ASN A 399 20.85 16.40 33.56
N THR A 400 19.63 15.95 33.20
CA THR A 400 19.33 15.55 31.80
C THR A 400 19.51 16.79 30.90
N MET A 401 19.00 17.92 31.36
CA MET A 401 19.08 19.17 30.57
C MET A 401 20.51 19.67 30.54
N LEU A 402 21.24 19.56 31.66
CA LEU A 402 22.65 20.04 31.70
C LEU A 402 23.51 19.16 30.82
N THR A 403 23.30 17.86 30.78
CA THR A 403 24.10 16.96 29.95
C THR A 403 23.85 17.27 28.49
N ALA A 404 22.59 17.49 28.14
CA ALA A 404 22.16 17.79 26.76
C ALA A 404 22.78 19.10 26.33
N LEU A 405 22.80 20.09 27.22
CA LEU A 405 23.36 21.42 26.91
C LEU A 405 24.88 21.28 26.70
N GLU A 406 25.52 20.49 27.55
CA GLU A 406 26.98 20.27 27.47
C GLU A 406 27.30 19.51 26.18
N GLU A 407 26.44 18.59 25.80
CA GLU A 407 26.64 17.79 24.57
C GLU A 407 26.57 18.71 23.36
N LEU A 408 25.59 19.58 23.33
CA LEU A 408 25.44 20.53 22.19
C LEU A 408 26.62 21.49 22.18
N TYR A 409 27.04 21.92 23.36
CA TYR A 409 28.20 22.85 23.47
C TYR A 409 29.45 22.19 22.91
N ALA A 410 29.73 20.97 23.32
CA ALA A 410 30.90 20.18 22.87
C ALA A 410 30.83 19.96 21.36
N LEU A 411 29.64 19.85 20.82
CA LEU A 411 29.47 19.76 19.34
C LEU A 411 29.68 21.15 18.73
N GLY A 412 29.51 22.21 19.50
CA GLY A 412 29.73 23.53 18.93
C GLY A 412 28.47 24.02 18.28
N ALA A 413 27.34 23.70 18.88
CA ALA A 413 26.01 24.21 18.56
C ALA A 413 25.68 25.40 19.40
N LEU A 414 26.42 25.57 20.49
CA LEU A 414 26.21 26.59 21.54
C LEU A 414 27.60 27.11 21.92
N ASP A 415 27.66 28.35 22.39
CA ASP A 415 28.96 28.93 22.78
C ASP A 415 29.14 28.71 24.29
N ASP A 416 30.06 29.44 24.92
CA ASP A 416 30.34 29.32 26.36
C ASP A 416 29.07 29.69 27.15
N GLU A 417 28.41 30.75 26.70
CA GLU A 417 27.15 31.28 27.33
C GLU A 417 26.08 30.20 27.22
N GLY A 418 26.06 29.46 26.11
CA GLY A 418 24.98 28.52 25.79
C GLY A 418 24.05 29.04 24.69
N LEU A 419 24.34 30.23 24.18
CA LEU A 419 23.55 30.76 23.04
C LEU A 419 23.88 29.97 21.77
N LEU A 420 22.88 29.73 20.93
CA LEU A 420 23.02 29.09 19.64
C LEU A 420 24.05 29.77 18.74
N THR A 421 25.00 29.03 18.23
CA THR A 421 26.06 29.51 17.32
C THR A 421 25.64 29.33 15.86
N ARG A 422 26.50 29.78 14.95
CA ARG A 422 26.18 29.68 13.50
C ARG A 422 26.08 28.20 13.16
N LEU A 423 27.00 27.42 13.71
CA LEU A 423 27.02 25.97 13.44
C LEU A 423 25.73 25.35 13.97
N GLY A 424 25.25 25.78 15.14
CA GLY A 424 24.02 25.21 15.69
C GLY A 424 22.83 25.47 14.79
N ARG A 425 22.70 26.69 14.26
CA ARG A 425 21.56 26.98 13.36
C ARG A 425 21.71 26.09 12.13
N LYS A 426 22.93 25.97 11.59
CA LYS A 426 23.10 25.13 10.39
C LYS A 426 22.71 23.69 10.71
N MET A 427 23.09 23.17 11.87
CA MET A 427 22.74 21.77 12.21
C MET A 427 21.23 21.62 12.35
N ALA A 428 20.55 22.66 12.82
CA ALA A 428 19.10 22.54 13.14
C ALA A 428 18.25 22.36 11.91
N ASP A 429 18.82 22.63 10.73
CA ASP A 429 18.19 22.46 9.42
C ASP A 429 18.22 20.99 8.99
N PHE A 430 18.92 20.14 9.70
CA PHE A 430 18.91 18.70 9.40
C PHE A 430 18.01 18.00 10.40
N PRO A 431 17.06 17.18 9.91
CA PRO A 431 16.22 16.37 10.78
C PRO A 431 16.86 15.05 11.23
N MET A 432 17.93 15.21 12.03
CA MET A 432 18.65 14.06 12.59
C MET A 432 19.32 14.47 13.90
N GLU A 433 19.87 13.45 14.53
CA GLU A 433 20.60 13.60 15.79
C GLU A 433 21.75 14.58 15.55
N PRO A 434 22.01 15.48 16.51
CA PRO A 434 23.03 16.52 16.34
C PRO A 434 24.43 16.01 16.07
N SER A 435 24.77 14.81 16.52
CA SER A 435 26.04 14.13 16.14
C SER A 435 26.16 13.91 14.65
N LEU A 436 25.10 13.37 14.03
CA LEU A 436 25.10 13.05 12.58
C LEU A 436 25.12 14.31 11.74
N SER A 437 24.31 15.30 12.10
CA SER A 437 24.31 16.60 11.37
C SER A 437 25.69 17.28 11.48
N LYS A 438 26.32 17.22 12.66
CA LYS A 438 27.66 17.76 12.86
C LYS A 438 28.65 17.07 11.94
N VAL A 439 28.55 15.76 11.79
CA VAL A 439 29.49 14.99 10.96
C VAL A 439 29.33 15.43 9.51
N LEU A 440 28.09 15.62 9.04
CA LEU A 440 27.85 16.02 7.62
C LEU A 440 28.50 17.36 7.32
N ILE A 441 28.34 18.33 8.20
CA ILE A 441 28.87 19.69 8.00
C ILE A 441 30.39 19.66 8.14
N ALA A 442 30.94 18.86 9.03
CA ALA A 442 32.39 18.76 9.18
C ALA A 442 33.05 18.20 7.91
N SER A 443 32.36 17.26 7.29
CA SER A 443 32.86 16.58 6.05
C SER A 443 32.96 17.57 4.89
N VAL A 444 32.07 18.57 4.92
CA VAL A 444 32.11 19.64 3.88
C VAL A 444 33.41 20.39 4.08
N ASP A 445 33.81 20.60 5.32
CA ASP A 445 35.06 21.34 5.61
C ASP A 445 36.25 20.51 5.13
N LYS A 446 36.17 19.19 5.30
CA LYS A 446 37.27 18.26 4.97
C LYS A 446 37.18 17.77 3.53
N GLY A 447 36.27 18.32 2.76
CA GLY A 447 36.14 18.02 1.32
C GLY A 447 35.78 16.57 1.05
N CYS A 448 34.93 16.00 1.89
CA CYS A 448 34.59 14.55 1.80
C CYS A 448 33.11 14.35 2.13
N SER A 449 32.27 15.28 1.70
CA SER A 449 30.82 15.21 2.00
C SER A 449 30.17 14.06 1.25
N ASP A 450 30.68 13.70 0.07
CA ASP A 450 30.11 12.62 -0.76
C ASP A 450 30.14 11.28 -0.03
N GLU A 451 31.26 10.97 0.61
CA GLU A 451 31.36 9.67 1.32
C GLU A 451 30.50 9.68 2.56
N MET A 452 30.48 10.79 3.28
CA MET A 452 29.73 10.92 4.55
C MET A 452 28.22 10.78 4.37
N VAL A 453 27.65 11.33 3.30
CA VAL A 453 26.18 11.25 3.11
C VAL A 453 25.84 9.78 2.94
N THR A 454 26.72 9.00 2.38
CA THR A 454 26.44 7.56 2.14
C THR A 454 26.52 6.82 3.48
N ILE A 455 27.56 7.13 4.25
CA ILE A 455 27.78 6.47 5.56
C ILE A 455 26.62 6.83 6.46
N VAL A 456 26.25 8.12 6.50
CA VAL A 456 25.14 8.62 7.36
C VAL A 456 23.84 7.92 6.95
N SER A 457 23.66 7.72 5.66
CA SER A 457 22.46 7.06 5.11
C SER A 457 22.38 5.63 5.68
N MET A 458 23.52 4.93 5.66
CA MET A 458 23.60 3.53 6.09
C MET A 458 23.37 3.39 7.59
N LEU A 459 23.63 4.40 8.41
CA LEU A 459 23.48 4.28 9.87
C LEU A 459 22.01 4.15 10.29
N ASN A 460 21.11 4.78 9.57
CA ASN A 460 19.65 4.76 9.87
C ASN A 460 19.05 3.36 9.62
N LEU A 461 19.68 2.58 8.76
CA LEU A 461 19.16 1.25 8.34
C LEU A 461 18.96 0.27 9.49
N GLN A 462 17.89 -0.50 9.41
CA GLN A 462 17.61 -1.57 10.41
C GLN A 462 18.56 -2.76 10.19
N GLN A 463 18.25 -3.57 9.19
CA GLN A 463 19.02 -4.79 8.86
C GLN A 463 19.68 -4.53 7.52
N ILE A 464 20.95 -4.84 7.42
CA ILE A 464 21.66 -4.67 6.14
C ILE A 464 22.09 -6.02 5.58
N PHE A 465 22.29 -7.03 6.39
CA PHE A 465 22.76 -8.31 5.85
C PHE A 465 21.83 -9.43 6.27
N TYR A 466 21.28 -10.10 5.25
CA TYR A 466 20.37 -11.24 5.46
C TYR A 466 21.24 -12.39 5.96
N ARG A 467 20.80 -13.09 7.01
CA ARG A 467 21.56 -14.24 7.55
C ARG A 467 20.61 -15.42 7.74
N PRO A 468 20.89 -16.60 7.16
CA PRO A 468 20.06 -17.79 7.34
C PRO A 468 20.90 -18.83 8.09
N LYS A 469 20.35 -19.49 9.11
CA LYS A 469 21.20 -20.43 9.90
C LYS A 469 21.76 -21.57 9.03
N ASP A 470 21.00 -22.06 8.07
CA ASP A 470 21.51 -23.15 7.19
C ASP A 470 22.74 -22.66 6.43
N LYS A 471 22.74 -21.42 5.95
CA LYS A 471 23.88 -20.87 5.16
C LYS A 471 24.58 -19.73 5.91
N GLN A 472 24.59 -19.77 7.24
CA GLN A 472 25.17 -18.66 8.05
C GLN A 472 26.65 -18.45 7.72
N GLN A 473 27.42 -19.53 7.67
CA GLN A 473 28.89 -19.42 7.40
C GLN A 473 29.12 -18.76 6.02
N GLN A 474 28.30 -19.17 5.07
CA GLN A 474 28.38 -18.73 3.66
C GLN A 474 28.12 -17.22 3.59
N ALA A 475 27.18 -16.74 4.39
CA ALA A 475 26.81 -15.31 4.38
C ALA A 475 27.96 -14.48 4.92
N ASP A 476 28.56 -14.92 6.00
CA ASP A 476 29.68 -14.21 6.66
C ASP A 476 30.88 -14.09 5.72
N GLN A 477 31.12 -15.14 4.92
CA GLN A 477 32.23 -15.12 3.94
C GLN A 477 31.99 -14.01 2.92
N LYS A 478 30.78 -13.80 2.47
CA LYS A 478 30.48 -12.76 1.46
C LYS A 478 30.62 -11.38 2.09
N LYS A 479 30.22 -11.24 3.34
CA LYS A 479 30.28 -9.97 4.09
C LYS A 479 31.73 -9.48 4.19
N ALA A 480 32.66 -10.41 4.27
CA ALA A 480 34.10 -10.16 4.50
C ALA A 480 34.74 -9.36 3.37
N LYS A 481 34.21 -9.47 2.15
CA LYS A 481 34.78 -8.78 0.99
C LYS A 481 34.68 -7.26 1.20
N PHE A 482 33.57 -6.82 1.76
CA PHE A 482 33.37 -5.38 2.01
C PHE A 482 34.14 -4.88 3.25
N HIS A 483 34.67 -5.77 4.10
CA HIS A 483 35.38 -5.35 5.34
C HIS A 483 36.53 -4.40 5.00
N ASP A 484 36.51 -3.18 5.57
CA ASP A 484 37.61 -2.21 5.39
C ASP A 484 38.48 -2.35 6.64
N PRO A 485 39.82 -2.29 6.52
CA PRO A 485 40.68 -2.24 7.72
C PRO A 485 40.27 -1.25 8.83
N THR A 486 39.94 -0.02 8.44
CA THR A 486 39.61 1.07 9.38
C THR A 486 38.45 0.63 10.28
N GLY A 487 37.32 0.33 9.73
CA GLY A 487 36.18 -0.12 10.54
C GLY A 487 34.91 -0.30 9.79
N ASP A 488 33.84 -0.37 10.57
CA ASP A 488 32.48 -0.64 10.06
C ASP A 488 31.98 0.52 9.19
N HIS A 489 32.35 1.77 9.53
CA HIS A 489 31.86 2.96 8.83
C HIS A 489 32.28 2.90 7.36
N LEU A 490 33.54 2.55 7.14
CA LEU A 490 34.06 2.46 5.76
C LEU A 490 33.62 1.16 5.12
N THR A 491 33.33 0.12 5.90
CA THR A 491 32.74 -1.12 5.38
C THR A 491 31.37 -0.80 4.77
N LEU A 492 30.61 0.08 5.44
CA LEU A 492 29.28 0.48 4.92
C LEU A 492 29.45 1.24 3.61
N LEU A 493 30.52 2.04 3.52
CA LEU A 493 30.83 2.81 2.28
C LEU A 493 31.14 1.81 1.17
N ASN A 494 31.89 0.75 1.51
CA ASN A 494 32.24 -0.32 0.53
C ASN A 494 30.99 -1.01 0.02
N VAL A 495 30.03 -1.32 0.89
CA VAL A 495 28.80 -2.03 0.50
C VAL A 495 28.00 -1.23 -0.51
N TYR A 496 27.67 0.01 -0.16
CA TYR A 496 26.88 0.91 -1.02
C TYR A 496 27.57 1.19 -2.34
N ASN A 497 28.87 1.45 -2.35
CA ASN A 497 29.59 1.69 -3.63
C ASN A 497 29.46 0.49 -4.59
N ALA A 498 29.75 -0.70 -4.11
CA ALA A 498 29.69 -1.92 -4.94
C ALA A 498 28.25 -2.21 -5.38
N TRP A 499 27.31 -1.87 -4.53
CA TRP A 499 25.87 -1.94 -4.91
C TRP A 499 25.57 -0.96 -6.06
N LYS A 500 26.08 0.26 -5.95
CA LYS A 500 25.92 1.29 -7.00
C LYS A 500 26.57 0.75 -8.29
N ASN A 501 27.77 0.18 -8.14
CA ASN A 501 28.59 -0.27 -9.29
C ASN A 501 27.88 -1.43 -10.01
N SER A 502 27.11 -2.23 -9.30
CA SER A 502 26.36 -3.34 -9.94
C SER A 502 25.00 -2.87 -10.42
N GLY A 503 24.88 -1.58 -10.72
CA GLY A 503 23.63 -0.96 -11.19
C GLY A 503 22.42 -1.17 -10.30
N TYR A 504 22.63 -1.35 -9.00
CA TYR A 504 21.62 -1.44 -7.95
C TYR A 504 20.79 -2.71 -8.13
N SER A 505 21.46 -3.79 -8.52
CA SER A 505 20.83 -5.08 -8.84
C SER A 505 20.40 -5.84 -7.60
N ASN A 506 19.18 -6.30 -7.60
CA ASN A 506 18.64 -7.19 -6.52
C ASN A 506 19.27 -8.57 -6.60
N ALA A 507 19.64 -9.03 -7.79
CA ALA A 507 20.35 -10.30 -7.97
C ALA A 507 21.70 -10.22 -7.28
N TRP A 508 22.39 -9.11 -7.45
CA TRP A 508 23.70 -8.84 -6.78
C TRP A 508 23.50 -8.87 -5.27
N CYS A 509 22.42 -8.25 -4.80
CA CYS A 509 22.11 -8.15 -3.37
C CYS A 509 21.97 -9.55 -2.78
N PHE A 510 21.27 -10.40 -3.49
CA PHE A 510 21.01 -11.81 -3.10
C PHE A 510 22.30 -12.60 -3.24
N GLU A 511 23.13 -12.25 -4.21
CA GLU A 511 24.42 -12.92 -4.45
C GLU A 511 25.31 -12.75 -3.23
N ASN A 512 25.10 -11.65 -2.49
CA ASN A 512 26.00 -11.28 -1.36
C ASN A 512 25.25 -11.22 -0.03
N TYR A 513 24.04 -11.74 0.00
CA TYR A 513 23.18 -11.86 1.19
C TYR A 513 23.00 -10.51 1.87
N ILE A 514 22.88 -9.48 1.05
CA ILE A 514 22.56 -8.08 1.43
C ILE A 514 21.06 -7.87 1.19
N GLN A 515 20.39 -7.36 2.20
CA GLN A 515 18.95 -6.99 2.17
C GLN A 515 18.81 -5.99 1.04
N ALA A 516 17.99 -6.33 0.05
CA ALA A 516 17.78 -5.47 -1.13
C ALA A 516 16.98 -4.22 -0.71
N ARG A 517 15.99 -4.42 0.17
CA ARG A 517 15.09 -3.32 0.57
C ARG A 517 15.86 -2.24 1.32
N ALA A 518 16.80 -2.68 2.15
CA ALA A 518 17.59 -1.79 3.00
C ALA A 518 18.45 -0.88 2.15
N MET A 519 19.15 -1.42 1.15
CA MET A 519 19.97 -0.58 0.26
C MET A 519 19.10 0.44 -0.47
N ARG A 520 17.92 0.05 -0.93
CA ARG A 520 17.00 0.98 -1.62
C ARG A 520 16.59 2.13 -0.69
N ARG A 521 16.35 1.81 0.56
CA ARG A 521 16.01 2.78 1.61
C ARG A 521 17.20 3.73 1.82
N ALA A 522 18.41 3.16 1.85
CA ALA A 522 19.65 3.96 2.01
C ALA A 522 19.77 5.03 0.91
N ARG A 523 19.50 4.62 -0.32
CA ARG A 523 19.59 5.53 -1.48
C ARG A 523 18.54 6.61 -1.35
N ASP A 524 17.34 6.24 -0.90
CA ASP A 524 16.25 7.23 -0.72
C ASP A 524 16.68 8.25 0.33
N VAL A 525 17.28 7.78 1.41
CA VAL A 525 17.75 8.68 2.48
C VAL A 525 18.87 9.56 1.93
N ARG A 526 19.82 8.95 1.20
CA ARG A 526 20.98 9.67 0.67
C ARG A 526 20.54 10.83 -0.25
N GLN A 527 19.62 10.56 -1.16
CA GLN A 527 19.09 11.56 -2.11
C GLN A 527 18.46 12.71 -1.35
N GLN A 528 17.71 12.40 -0.30
CA GLN A 528 17.07 13.46 0.51
C GLN A 528 18.11 14.28 1.25
N ILE A 529 19.13 13.62 1.80
CA ILE A 529 20.20 14.34 2.55
C ILE A 529 20.95 15.26 1.57
N VAL A 530 21.26 14.77 0.38
CA VAL A 530 22.01 15.55 -0.65
C VAL A 530 21.20 16.80 -0.96
N LYS A 531 19.88 16.66 -1.09
CA LYS A 531 19.03 17.84 -1.42
C LYS A 531 19.03 18.85 -0.28
N ILE A 532 18.98 18.37 0.96
CA ILE A 532 19.01 19.24 2.17
C ILE A 532 20.34 19.98 2.23
N MET A 533 21.43 19.30 1.98
CA MET A 533 22.77 19.95 2.04
C MET A 533 22.85 21.02 0.95
N GLU A 534 22.39 20.68 -0.24
CA GLU A 534 22.47 21.62 -1.38
C GLU A 534 21.64 22.86 -1.14
N ARG A 535 20.48 22.75 -0.52
CA ARG A 535 19.59 23.90 -0.30
C ARG A 535 20.29 24.90 0.59
N HIS A 536 20.96 24.40 1.63
CA HIS A 536 21.81 25.23 2.54
C HIS A 536 23.20 25.33 1.88
N ARG A 537 24.10 26.17 2.33
CA ARG A 537 25.37 26.27 1.56
C ARG A 537 26.31 25.13 2.00
N HIS A 538 25.96 23.91 1.58
CA HIS A 538 26.76 22.69 1.91
C HIS A 538 26.90 21.85 0.63
N PRO A 539 27.91 22.09 -0.22
CA PRO A 539 28.11 21.28 -1.41
C PRO A 539 28.61 19.85 -1.14
N ILE A 540 28.45 19.03 -2.15
CA ILE A 540 28.89 17.61 -2.11
C ILE A 540 30.22 17.57 -2.84
N ILE A 541 31.26 17.31 -2.08
CA ILE A 541 32.66 17.15 -2.60
C ILE A 541 33.19 15.79 -2.21
N SER A 542 33.81 15.08 -3.16
CA SER A 542 34.43 13.78 -2.90
C SER A 542 35.92 13.91 -2.71
N CYS A 543 36.52 12.93 -2.05
CA CYS A 543 37.99 12.99 -1.79
C CYS A 543 38.67 11.63 -1.93
N GLY A 544 38.15 10.75 -2.78
CA GLY A 544 38.86 9.51 -3.13
C GLY A 544 39.13 8.65 -1.93
N ARG A 545 38.13 8.53 -1.06
CA ARG A 545 38.22 7.69 0.16
C ARG A 545 39.49 7.98 1.03
N ASP A 546 39.71 9.24 1.32
CA ASP A 546 40.77 9.64 2.26
C ASP A 546 40.24 9.25 3.62
N THR A 547 40.55 8.03 4.01
CA THR A 547 40.01 7.42 5.26
C THR A 547 40.36 8.30 6.47
N ASP A 548 41.56 8.87 6.47
CA ASP A 548 41.98 9.84 7.49
C ASP A 548 41.03 11.03 7.55
N LYS A 549 40.52 11.51 6.42
CA LYS A 549 39.67 12.73 6.44
C LYS A 549 38.26 12.32 6.86
N ILE A 550 37.84 11.16 6.36
CA ILE A 550 36.52 10.58 6.64
C ILE A 550 36.37 10.24 8.12
N ARG A 551 37.36 9.60 8.70
CA ARG A 551 37.27 9.24 10.14
C ARG A 551 37.46 10.47 11.02
N GLN A 552 38.24 11.42 10.57
CA GLN A 552 38.41 12.73 11.25
C GLN A 552 37.05 13.42 11.27
N ALA A 553 36.34 13.40 10.17
CA ALA A 553 35.00 14.04 10.10
C ALA A 553 34.08 13.43 11.15
N LEU A 554 34.05 12.09 11.22
CA LEU A 554 33.27 11.32 12.19
C LEU A 554 33.74 11.50 13.62
N CYS A 555 34.75 12.30 13.87
CA CYS A 555 35.22 12.59 15.24
C CYS A 555 34.68 13.97 15.65
N ALA A 556 34.38 14.81 14.67
CA ALA A 556 33.74 16.11 14.92
C ALA A 556 32.43 15.90 15.68
N GLY A 557 31.61 14.98 15.26
CA GLY A 557 30.47 14.48 16.06
C GLY A 557 30.90 13.12 16.52
N PHE A 558 30.13 12.47 17.37
CA PHE A 558 30.44 11.06 17.74
C PHE A 558 31.77 10.94 18.47
N PHE A 559 32.15 11.94 19.25
CA PHE A 559 33.41 11.90 20.00
C PHE A 559 33.12 11.47 21.42
N ARG A 560 31.87 11.52 21.87
CA ARG A 560 31.51 11.08 23.24
C ARG A 560 31.23 9.59 23.21
N ASN A 561 31.31 8.99 22.04
CA ASN A 561 31.20 7.52 21.82
C ASN A 561 32.53 7.01 21.29
N THR A 562 33.52 7.02 22.17
CA THR A 562 34.89 6.52 21.90
C THR A 562 35.31 5.62 23.06
N ALA A 563 36.16 4.65 22.76
CA ALA A 563 36.61 3.70 23.76
C ALA A 563 38.03 3.26 23.48
N ARG A 564 38.69 2.74 24.52
CA ARG A 564 40.10 2.30 24.49
C ARG A 564 40.22 0.85 24.98
N LYS A 565 41.15 0.11 24.40
CA LYS A 565 41.26 -1.34 24.70
C LYS A 565 41.88 -1.56 26.10
N ASP A 566 41.25 -2.42 26.89
CA ASP A 566 41.69 -2.77 28.26
C ASP A 566 42.38 -4.13 28.23
N PRO A 567 43.63 -4.23 28.73
CA PRO A 567 44.26 -5.54 28.93
C PRO A 567 43.59 -6.37 30.05
N GLY A 570 37.96 -6.43 27.41
CA GLY A 570 37.55 -5.76 26.14
C GLY A 570 37.91 -4.28 26.12
N TYR A 571 36.96 -3.42 25.78
CA TYR A 571 37.24 -1.98 25.69
C TYR A 571 36.61 -1.25 26.87
N LYS A 572 37.02 -0.03 27.09
CA LYS A 572 36.40 0.87 28.08
C LYS A 572 36.21 2.24 27.47
N THR A 573 35.03 2.81 27.71
CA THR A 573 34.57 4.12 27.22
C THR A 573 35.45 5.23 27.78
N LEU A 574 35.82 6.20 26.96
CA LEU A 574 36.61 7.37 27.39
C LEU A 574 35.73 8.33 28.22
N THR A 575 34.52 8.56 27.80
CA THR A 575 33.63 9.57 28.41
C THR A 575 33.26 9.23 29.85
N GLU A 576 32.62 8.09 30.08
CA GLU A 576 32.08 7.78 31.42
C GLU A 576 32.91 6.67 32.08
N GLY A 577 33.72 5.92 31.35
CA GLY A 577 34.50 4.83 31.96
C GLY A 577 33.79 3.50 31.93
N THR A 578 32.66 3.42 31.24
CA THR A 578 31.84 2.20 31.09
C THR A 578 32.54 1.16 30.24
N PRO A 579 32.52 -0.12 30.64
CA PRO A 579 33.16 -1.17 29.84
C PRO A 579 32.25 -1.67 28.72
N VAL A 580 32.75 -1.64 27.50
CA VAL A 580 32.00 -1.99 26.27
C VAL A 580 32.87 -2.94 25.45
N TYR A 581 32.21 -3.75 24.66
CA TYR A 581 32.84 -4.87 23.92
C TYR A 581 32.52 -4.75 22.42
N LEU A 582 33.55 -5.01 21.60
CA LEU A 582 33.34 -5.25 20.15
C LEU A 582 32.38 -6.41 19.91
N HIS A 583 31.47 -6.20 18.98
CA HIS A 583 30.56 -7.26 18.49
C HIS A 583 31.38 -8.17 17.57
N PRO A 584 31.12 -9.49 17.57
CA PRO A 584 31.76 -10.41 16.60
C PRO A 584 31.63 -10.10 15.10
N SER A 585 30.50 -9.51 14.73
CA SER A 585 30.17 -9.16 13.34
C SER A 585 30.99 -7.97 12.83
N SER A 586 31.64 -7.24 13.71
CA SER A 586 32.39 -6.03 13.37
C SER A 586 33.53 -6.34 12.39
N ALA A 587 33.77 -5.40 11.50
CA ALA A 587 34.88 -5.53 10.53
C ALA A 587 36.25 -5.49 11.19
N LEU A 588 36.42 -4.80 12.33
CA LEU A 588 37.72 -4.82 13.01
C LEU A 588 37.67 -5.74 14.22
N PHE A 589 36.75 -6.68 14.32
CA PHE A 589 36.61 -7.55 15.51
C PHE A 589 37.85 -8.41 15.70
N GLY A 590 38.36 -9.02 14.64
CA GLY A 590 39.58 -9.83 14.82
C GLY A 590 40.79 -8.94 15.10
N LYS A 591 40.80 -7.79 14.42
CA LYS A 591 41.94 -6.86 14.41
C LYS A 591 42.10 -6.24 15.78
N GLN A 592 43.32 -5.81 16.07
CA GLN A 592 43.61 -5.05 17.31
C GLN A 592 43.53 -3.56 16.98
N ALA A 593 42.82 -2.77 17.82
CA ALA A 593 42.63 -1.35 17.50
C ALA A 593 42.50 -0.58 18.80
N GLU A 594 43.55 0.14 19.21
CA GLU A 594 43.62 0.65 20.59
C GLU A 594 42.53 1.71 20.81
N TRP A 595 42.31 2.60 19.86
CA TRP A 595 41.31 3.67 20.00
C TRP A 595 40.22 3.44 18.95
N VAL A 596 38.97 3.48 19.39
CA VAL A 596 37.82 3.21 18.51
C VAL A 596 36.71 4.23 18.71
N LEU A 597 35.84 4.26 17.72
CA LEU A 597 34.65 5.17 17.69
C LEU A 597 33.46 4.35 17.26
N TYR A 598 32.35 4.44 17.99
CA TYR A 598 31.16 3.59 17.75
C TYR A 598 29.92 4.44 17.50
N HIS A 599 29.10 4.04 16.53
CA HIS A 599 27.88 4.84 16.25
C HIS A 599 26.85 4.71 17.36
N GLU A 600 26.67 3.48 17.83
CA GLU A 600 25.64 3.17 18.84
C GLU A 600 26.16 2.17 19.86
N LEU A 601 25.41 2.07 20.93
CA LEU A 601 25.76 1.18 22.06
C LEU A 601 24.58 0.26 22.38
N VAL A 602 24.46 -0.86 21.67
CA VAL A 602 23.40 -1.86 21.91
C VAL A 602 23.75 -2.64 23.18
N LEU A 603 22.73 -3.16 23.85
CA LEU A 603 22.89 -4.10 24.99
C LEU A 603 22.05 -5.35 24.67
N THR A 604 22.55 -6.27 23.89
CA THR A 604 21.91 -7.60 23.83
C THR A 604 22.22 -8.31 25.13
N THR A 605 23.48 -8.51 25.46
CA THR A 605 23.82 -9.29 26.67
C THR A 605 24.63 -8.43 27.64
N LYS A 606 25.74 -7.92 27.10
CA LYS A 606 26.73 -7.03 27.74
C LYS A 606 26.84 -5.81 26.83
N GLU A 607 27.35 -4.68 27.30
CA GLU A 607 27.44 -3.48 26.42
C GLU A 607 28.24 -3.77 25.14
N TYR A 608 27.65 -3.48 24.01
CA TYR A 608 28.25 -3.75 22.68
C TYR A 608 28.22 -2.48 21.83
N MET A 609 29.30 -2.26 21.12
CA MET A 609 29.43 -1.10 20.24
C MET A 609 28.88 -1.49 18.88
N HIS A 610 27.95 -0.68 18.37
CA HIS A 610 27.40 -0.90 17.02
C HIS A 610 28.18 -0.03 16.04
N PHE A 611 28.71 -0.59 14.95
CA PHE A 611 29.49 0.17 13.94
C PHE A 611 30.70 0.85 14.56
N THR A 612 31.67 0.03 14.91
CA THR A 612 32.99 0.44 15.42
C THR A 612 34.04 0.71 14.31
N THR A 613 34.76 1.80 14.50
CA THR A 613 35.81 2.28 13.57
C THR A 613 37.06 2.68 14.33
N ALA A 614 38.21 2.13 13.93
CA ALA A 614 39.51 2.46 14.55
C ALA A 614 39.86 3.90 14.21
N ILE A 615 40.22 4.66 15.24
CA ILE A 615 40.66 6.08 15.04
C ILE A 615 41.92 6.34 15.86
N GLU A 616 42.53 7.46 15.58
CA GLU A 616 43.74 7.99 16.21
C GLU A 616 43.29 8.98 17.29
N PRO A 617 43.97 9.01 18.44
CA PRO A 617 43.64 9.98 19.51
C PRO A 617 43.81 11.46 19.14
N LYS A 618 44.73 11.72 18.20
CA LYS A 618 45.10 13.09 17.77
C LYS A 618 43.86 13.77 17.22
N TRP A 619 43.07 13.05 16.44
CA TRP A 619 41.90 13.61 15.73
C TRP A 619 40.85 14.06 16.75
N LEU A 620 40.74 13.33 17.84
CA LEU A 620 39.80 13.64 18.94
C LEU A 620 40.25 14.95 19.58
N VAL A 621 41.55 15.15 19.77
CA VAL A 621 42.00 16.42 20.42
C VAL A 621 41.67 17.58 19.45
N GLU A 622 41.98 17.35 18.20
CA GLU A 622 41.93 18.33 17.09
C GLU A 622 40.50 18.50 16.56
N ALA A 623 39.87 17.42 16.08
CA ALA A 623 38.58 17.56 15.38
C ALA A 623 37.42 17.60 16.40
N ALA A 624 37.63 17.20 17.65
CA ALA A 624 36.53 17.21 18.62
C ALA A 624 36.94 18.11 19.77
N PRO A 625 37.10 19.44 19.55
CA PRO A 625 38.00 20.27 20.37
C PRO A 625 37.70 20.25 21.88
N THR A 626 36.52 20.75 22.28
CA THR A 626 36.36 21.33 23.62
C THR A 626 36.64 20.26 24.68
N PHE A 627 35.94 19.14 24.53
CA PHE A 627 35.82 18.01 25.47
C PHE A 627 37.21 17.42 25.67
N PHE A 628 37.97 17.18 24.61
CA PHE A 628 39.24 16.42 24.64
C PHE A 628 40.46 17.29 24.33
N LYS A 629 40.33 18.59 24.34
CA LYS A 629 41.51 19.47 24.32
C LYS A 629 42.12 19.45 25.75
N LEU A 630 42.89 18.40 25.97
CA LEU A 630 43.81 18.28 27.12
C LEU A 630 45.23 18.28 26.50
N ALA A 631 45.43 19.11 25.48
CA ALA A 631 46.74 19.37 24.83
C ALA A 631 46.85 20.87 24.55
N PRO A 632 48.03 21.40 24.13
CA PRO A 632 48.11 22.77 23.62
C PRO A 632 47.49 22.90 22.22
N SER B 4 11.19 -16.36 2.72
CA SER B 4 11.50 -14.95 2.37
C SER B 4 11.10 -14.64 0.91
N ILE B 5 11.21 -13.37 0.52
CA ILE B 5 10.99 -12.96 -0.90
C ILE B 5 12.03 -13.64 -1.81
N LYS B 6 13.29 -13.69 -1.39
CA LYS B 6 14.36 -14.42 -2.13
C LYS B 6 13.97 -15.90 -2.35
N GLU B 7 13.51 -16.57 -1.31
CA GLU B 7 13.23 -18.03 -1.34
C GLU B 7 12.10 -18.28 -2.34
N GLN B 8 11.06 -17.41 -2.29
CA GLN B 8 9.88 -17.58 -3.16
C GLN B 8 10.28 -17.42 -4.62
N ARG B 9 11.07 -16.40 -4.95
CA ARG B 9 11.46 -16.07 -6.33
C ARG B 9 12.32 -17.21 -6.90
N GLU B 10 13.24 -17.72 -6.11
CA GLU B 10 14.17 -18.77 -6.55
C GLU B 10 13.51 -20.15 -6.64
N SER B 11 12.24 -20.25 -6.22
CA SER B 11 11.47 -21.52 -6.18
C SER B 11 10.65 -21.77 -7.44
N LEU B 12 10.15 -20.69 -8.02
CA LEU B 12 9.40 -20.68 -9.28
C LEU B 12 10.10 -21.50 -10.38
N PRO B 13 9.33 -22.03 -11.34
CA PRO B 13 9.92 -22.83 -12.44
C PRO B 13 10.91 -22.11 -13.36
N VAL B 14 10.70 -20.82 -13.55
CA VAL B 14 11.47 -20.03 -14.55
C VAL B 14 12.84 -19.61 -14.00
N PHE B 15 13.11 -19.81 -12.72
CA PHE B 15 14.37 -19.37 -12.11
C PHE B 15 15.55 -20.12 -12.72
N GLN B 16 15.34 -21.39 -13.05
CA GLN B 16 16.37 -22.28 -13.57
C GLN B 16 16.97 -21.72 -14.87
N PHE B 17 16.12 -21.12 -15.68
CA PHE B 17 16.41 -20.68 -17.04
C PHE B 17 16.67 -19.17 -17.04
N ARG B 18 16.90 -18.58 -15.86
CA ARG B 18 17.08 -17.12 -15.72
C ARG B 18 18.26 -16.63 -16.55
N ASP B 19 19.43 -17.25 -16.45
CA ASP B 19 20.60 -16.74 -17.20
C ASP B 19 20.44 -17.04 -18.69
N GLN B 20 19.87 -18.19 -19.01
CA GLN B 20 19.55 -18.56 -20.39
C GLN B 20 18.52 -17.61 -21.00
N ILE B 21 17.50 -17.20 -20.25
CA ILE B 21 16.47 -16.28 -20.82
C ILE B 21 17.11 -14.94 -21.16
N ILE B 22 17.93 -14.42 -20.29
CA ILE B 22 18.63 -13.11 -20.52
C ILE B 22 19.49 -13.20 -21.77
N GLN B 23 20.13 -14.36 -21.99
CA GLN B 23 20.96 -14.54 -23.18
C GLN B 23 20.07 -14.62 -24.41
N ALA B 24 18.93 -15.31 -24.29
CA ALA B 24 17.96 -15.48 -25.39
C ALA B 24 17.49 -14.10 -25.84
N VAL B 25 17.24 -13.20 -24.88
CA VAL B 25 16.74 -11.85 -25.21
C VAL B 25 17.87 -11.01 -25.83
N LYS B 26 19.06 -11.17 -25.28
CA LYS B 26 20.23 -10.37 -25.68
C LYS B 26 20.63 -10.67 -27.11
N ASP B 27 20.67 -11.93 -27.53
CA ASP B 27 21.06 -12.29 -28.90
C ASP B 27 19.94 -11.99 -29.88
N ASN B 28 18.68 -12.28 -29.54
CA ASN B 28 17.57 -12.10 -30.49
C ASN B 28 16.67 -10.91 -30.21
N GLN B 29 16.32 -10.14 -31.24
CA GLN B 29 15.49 -8.94 -31.07
C GLN B 29 14.07 -9.32 -30.65
N ILE B 30 13.46 -10.25 -31.34
CA ILE B 30 12.08 -10.67 -30.95
C ILE B 30 12.13 -12.11 -30.53
N LEU B 31 11.49 -12.45 -29.40
CA LEU B 31 11.65 -13.76 -28.71
C LEU B 31 10.27 -14.16 -28.19
N ILE B 32 9.91 -15.42 -28.40
CA ILE B 32 8.65 -16.00 -27.88
C ILE B 32 8.92 -16.85 -26.64
N VAL B 33 8.13 -16.61 -25.61
CA VAL B 33 8.30 -17.31 -24.32
C VAL B 33 7.06 -18.13 -24.01
N VAL B 34 7.22 -19.45 -24.00
CA VAL B 34 6.10 -20.34 -23.65
C VAL B 34 6.29 -20.77 -22.22
N GLY B 35 5.25 -20.70 -21.44
CA GLY B 35 5.34 -21.02 -20.00
C GLY B 35 3.99 -21.30 -19.43
N GLU B 36 3.81 -22.50 -18.88
CA GLU B 36 2.52 -22.84 -18.23
C GLU B 36 2.24 -21.85 -17.11
N THR B 37 1.02 -21.32 -17.00
CA THR B 37 0.69 -20.22 -16.07
C THR B 37 1.14 -20.61 -14.66
N GLY B 38 1.77 -19.65 -14.00
CA GLY B 38 2.33 -19.87 -12.66
C GLY B 38 3.82 -20.15 -12.66
N SER B 39 4.40 -20.43 -13.82
CA SER B 39 5.83 -20.45 -14.14
C SER B 39 6.49 -19.16 -13.68
N GLY B 40 5.72 -18.09 -13.57
CA GLY B 40 6.21 -16.82 -13.00
C GLY B 40 6.89 -15.96 -14.03
N LYS B 41 6.59 -16.18 -15.30
CA LYS B 41 7.19 -15.42 -16.43
C LYS B 41 6.82 -13.95 -16.34
N THR B 42 5.61 -13.64 -15.92
CA THR B 42 5.14 -12.24 -15.79
C THR B 42 5.95 -11.46 -14.76
N THR B 43 6.19 -12.07 -13.63
CA THR B 43 6.84 -11.38 -12.51
C THR B 43 8.36 -11.61 -12.51
N GLN B 44 8.87 -12.57 -13.28
CA GLN B 44 10.32 -12.87 -13.15
C GLN B 44 11.12 -12.26 -14.29
N VAL B 45 10.67 -12.44 -15.54
CA VAL B 45 11.46 -12.02 -16.73
C VAL B 45 11.69 -10.53 -16.65
N THR B 46 10.67 -9.79 -16.23
CA THR B 46 10.74 -8.34 -16.10
C THR B 46 11.83 -7.95 -15.12
N GLN B 47 11.88 -8.67 -14.00
CA GLN B 47 12.86 -8.39 -12.94
C GLN B 47 14.26 -8.74 -13.47
N TYR B 48 14.40 -9.89 -14.14
CA TYR B 48 15.69 -10.40 -14.67
C TYR B 48 16.33 -9.36 -15.59
N LEU B 49 15.54 -8.77 -16.45
CA LEU B 49 16.03 -7.79 -17.44
C LEU B 49 16.46 -6.52 -16.72
N ALA B 50 15.78 -6.13 -15.64
CA ALA B 50 16.14 -4.96 -14.84
C ALA B 50 17.52 -5.18 -14.18
N GLU B 51 17.70 -6.36 -13.59
CA GLU B 51 18.97 -6.79 -12.97
C GLU B 51 20.10 -6.81 -14.01
N ALA B 52 19.79 -7.27 -15.22
CA ALA B 52 20.74 -7.40 -16.33
C ALA B 52 21.16 -6.04 -16.89
N GLY B 53 20.45 -4.96 -16.57
CA GLY B 53 20.88 -3.62 -16.96
C GLY B 53 20.25 -3.03 -18.20
N PHE B 54 19.09 -3.52 -18.61
CA PHE B 54 18.40 -3.01 -19.83
C PHE B 54 17.81 -1.63 -19.56
N THR B 55 17.47 -1.34 -18.30
CA THR B 55 16.66 -0.16 -17.92
C THR B 55 17.55 1.07 -17.77
N LYS B 56 18.87 0.94 -17.93
CA LYS B 56 19.80 2.05 -17.60
C LYS B 56 19.50 3.20 -18.55
N TYR B 57 19.22 2.90 -19.83
CA TYR B 57 18.73 3.93 -20.80
C TYR B 57 17.49 3.38 -21.48
N GLY B 58 16.39 3.42 -20.72
CA GLY B 58 15.09 2.91 -21.19
C GLY B 58 14.21 2.44 -20.05
N MET B 59 13.11 1.78 -20.41
CA MET B 59 12.03 1.32 -19.49
C MET B 59 11.44 0.00 -20.02
N ILE B 60 11.07 -0.92 -19.12
CA ILE B 60 10.48 -2.22 -19.50
C ILE B 60 8.95 -2.15 -19.45
N GLY B 61 8.34 -2.41 -20.59
CA GLY B 61 6.86 -2.41 -20.69
C GLY B 61 6.33 -3.82 -20.78
N CYS B 62 5.35 -4.18 -19.95
CA CYS B 62 4.73 -5.51 -19.94
C CYS B 62 3.21 -5.33 -20.00
N THR B 63 2.58 -5.85 -21.05
CA THR B 63 1.14 -5.64 -21.30
C THR B 63 0.34 -6.78 -20.71
N GLN B 64 -0.80 -6.48 -20.04
CA GLN B 64 -1.65 -7.50 -19.46
C GLN B 64 -2.98 -7.45 -20.18
N PRO B 65 -3.71 -8.57 -20.24
CA PRO B 65 -5.04 -8.55 -20.88
C PRO B 65 -6.12 -7.68 -20.21
N ARG B 66 -6.11 -7.64 -18.87
CA ARG B 66 -7.10 -6.89 -18.08
C ARG B 66 -6.41 -5.90 -17.13
N ARG B 67 -7.16 -4.89 -16.79
CA ARG B 67 -6.71 -3.78 -15.93
C ARG B 67 -6.34 -4.31 -14.55
N VAL B 68 -7.20 -5.13 -13.96
CA VAL B 68 -6.97 -5.70 -12.61
C VAL B 68 -5.70 -6.55 -12.61
N ALA B 69 -5.45 -7.29 -13.69
CA ALA B 69 -4.27 -8.17 -13.78
C ALA B 69 -3.00 -7.31 -13.76
N ALA B 70 -3.01 -6.21 -14.51
CA ALA B 70 -1.84 -5.33 -14.59
C ALA B 70 -1.57 -4.70 -13.24
N VAL B 71 -2.62 -4.27 -12.53
CA VAL B 71 -2.41 -3.65 -11.20
C VAL B 71 -1.84 -4.70 -10.23
N SER B 72 -2.39 -5.91 -10.25
CA SER B 72 -2.04 -7.04 -9.36
C SER B 72 -0.58 -7.42 -9.56
N VAL B 73 -0.14 -7.53 -10.80
CA VAL B 73 1.24 -8.02 -11.05
C VAL B 73 2.23 -6.92 -10.68
N ALA B 74 1.88 -5.68 -10.97
CA ALA B 74 2.69 -4.50 -10.57
C ALA B 74 2.85 -4.44 -9.05
N LYS B 75 1.75 -4.73 -8.31
CA LYS B 75 1.85 -4.69 -6.82
C LYS B 75 2.78 -5.79 -6.36
N ARG B 76 2.65 -7.00 -6.93
CA ARG B 76 3.49 -8.14 -6.52
C ARG B 76 4.96 -7.88 -6.87
N VAL B 77 5.24 -7.38 -8.08
CA VAL B 77 6.62 -7.12 -8.52
C VAL B 77 7.25 -6.02 -7.65
N ALA B 78 6.46 -5.00 -7.29
CA ALA B 78 6.93 -3.92 -6.40
C ALA B 78 7.37 -4.48 -5.05
N GLU B 79 6.53 -5.37 -4.50
CA GLU B 79 6.83 -6.11 -3.25
C GLU B 79 8.16 -6.87 -3.41
N GLU B 80 8.32 -7.60 -4.52
CA GLU B 80 9.53 -8.41 -4.76
C GLU B 80 10.76 -7.51 -4.87
N VAL B 81 10.61 -6.37 -5.53
CA VAL B 81 11.72 -5.42 -5.78
C VAL B 81 11.95 -4.69 -4.45
N GLY B 82 10.96 -4.64 -3.57
CA GLY B 82 11.11 -3.85 -2.33
C GLY B 82 11.19 -2.36 -2.55
N CYS B 83 10.47 -1.86 -3.53
CA CYS B 83 10.32 -0.40 -3.76
C CYS B 83 8.88 0.01 -3.52
N GLN B 84 8.64 1.27 -3.19
CA GLN B 84 7.28 1.78 -3.03
C GLN B 84 6.60 1.74 -4.41
N LEU B 85 5.29 1.47 -4.42
CA LEU B 85 4.55 1.37 -5.71
C LEU B 85 4.59 2.72 -6.45
N GLY B 86 4.73 2.67 -7.78
CA GLY B 86 4.78 3.88 -8.61
C GLY B 86 6.17 4.47 -8.73
N GLN B 87 7.17 3.79 -8.14
CA GLN B 87 8.57 4.28 -8.20
C GLN B 87 9.34 3.46 -9.25
N GLU B 88 10.23 2.57 -8.81
CA GLU B 88 11.01 1.72 -9.76
C GLU B 88 10.04 0.83 -10.54
N VAL B 89 9.03 0.28 -9.86
CA VAL B 89 8.02 -0.60 -10.52
C VAL B 89 6.65 0.10 -10.42
N GLY B 90 5.94 0.24 -11.53
CA GLY B 90 4.63 0.92 -11.53
C GLY B 90 3.73 0.48 -12.68
N TYR B 91 2.44 0.82 -12.59
CA TYR B 91 1.47 0.48 -13.65
C TYR B 91 0.79 1.73 -14.22
N THR B 92 0.33 1.61 -15.46
CA THR B 92 -0.39 2.67 -16.19
C THR B 92 -1.64 2.05 -16.83
N ILE B 93 -2.65 1.75 -16.01
CA ILE B 93 -4.00 1.46 -16.55
C ILE B 93 -4.65 2.79 -16.92
N ARG B 94 -5.75 2.70 -17.66
CA ARG B 94 -6.56 3.87 -18.07
C ARG B 94 -7.08 4.65 -16.86
N PHE B 95 -6.79 5.94 -16.83
CA PHE B 95 -7.17 6.93 -15.79
C PHE B 95 -6.45 6.69 -14.45
N GLU B 96 -5.43 5.84 -14.45
CA GLU B 96 -4.65 5.62 -13.23
C GLU B 96 -3.16 5.39 -13.54
N ASP B 97 -2.43 6.49 -13.81
CA ASP B 97 -0.99 6.40 -14.13
C ASP B 97 -0.13 6.37 -12.88
N VAL B 98 -0.06 5.24 -12.18
CA VAL B 98 0.71 5.20 -10.91
C VAL B 98 2.17 4.94 -11.29
N THR B 99 2.86 5.97 -11.80
CA THR B 99 4.28 5.90 -12.18
C THR B 99 4.96 7.22 -11.81
N SER B 100 6.28 7.19 -11.76
CA SER B 100 7.17 8.35 -11.42
C SER B 100 8.27 8.45 -12.48
N PRO B 101 9.07 9.54 -12.52
CA PRO B 101 10.19 9.59 -13.47
C PRO B 101 11.21 8.45 -13.34
N ALA B 102 11.50 8.08 -12.09
CA ALA B 102 12.50 7.05 -11.76
C ALA B 102 11.77 5.71 -11.73
N THR B 103 11.19 5.35 -12.87
CA THR B 103 10.45 4.07 -13.05
C THR B 103 11.12 3.29 -14.17
N LYS B 104 11.54 2.08 -13.82
CA LYS B 104 12.27 1.21 -14.73
C LYS B 104 11.35 0.14 -15.32
N ILE B 105 10.31 -0.20 -14.59
CA ILE B 105 9.39 -1.32 -14.98
C ILE B 105 7.95 -0.80 -14.99
N LYS B 106 7.26 -0.96 -16.10
CA LYS B 106 5.84 -0.52 -16.19
C LYS B 106 4.92 -1.64 -16.64
N TYR B 107 3.83 -1.85 -15.92
CA TYR B 107 2.78 -2.80 -16.37
C TYR B 107 1.57 -2.09 -16.92
N MET B 108 1.06 -2.51 -18.09
CA MET B 108 -0.08 -1.76 -18.65
C MET B 108 -0.98 -2.73 -19.43
N THR B 109 -1.93 -2.12 -20.14
CA THR B 109 -2.93 -2.86 -20.96
C THR B 109 -2.64 -2.60 -22.44
N ASP B 110 -3.20 -3.44 -23.32
CA ASP B 110 -2.96 -3.26 -24.78
C ASP B 110 -3.46 -1.87 -25.20
N GLY B 111 -4.63 -1.45 -24.70
CA GLY B 111 -5.17 -0.13 -25.04
C GLY B 111 -4.24 0.98 -24.59
N MET B 112 -3.69 0.93 -23.38
CA MET B 112 -2.82 2.05 -22.95
C MET B 112 -1.57 2.10 -23.85
N LEU B 113 -1.00 0.93 -24.14
CA LEU B 113 0.22 0.87 -24.97
C LEU B 113 -0.09 1.40 -26.37
N GLN B 114 -1.28 1.12 -26.92
CA GLN B 114 -1.59 1.61 -28.27
C GLN B 114 -1.55 3.13 -28.28
N ARG B 115 -2.13 3.74 -27.25
CA ARG B 115 -2.15 5.22 -27.15
C ARG B 115 -0.74 5.79 -27.15
N GLU B 116 0.15 5.24 -26.33
CA GLU B 116 1.55 5.74 -26.26
C GLU B 116 2.30 5.51 -27.59
N ILE B 117 1.97 4.42 -28.28
CA ILE B 117 2.58 4.10 -29.60
C ILE B 117 2.13 5.24 -30.52
N LEU B 118 0.87 5.62 -30.43
CA LEU B 118 0.29 6.69 -31.27
C LEU B 118 1.07 7.98 -30.98
N MET B 119 1.35 8.26 -29.72
CA MET B 119 2.14 9.47 -29.37
C MET B 119 3.55 9.35 -29.97
N ASP B 120 4.08 8.14 -30.03
CA ASP B 120 5.47 7.85 -30.44
C ASP B 120 5.51 6.46 -31.07
N PRO B 121 5.51 6.34 -32.40
CA PRO B 121 5.60 5.02 -33.04
C PRO B 121 6.88 4.25 -32.69
N ASP B 122 7.97 4.99 -32.49
CA ASP B 122 9.26 4.38 -32.15
C ASP B 122 9.32 3.93 -30.70
N LEU B 123 8.49 4.46 -29.80
CA LEU B 123 8.42 4.01 -28.39
C LEU B 123 9.79 4.14 -27.76
N LYS B 124 10.35 5.34 -27.81
CA LYS B 124 11.76 5.57 -27.42
C LYS B 124 11.95 5.41 -25.92
N ARG B 125 10.97 5.86 -25.14
CA ARG B 125 11.09 5.84 -23.69
C ARG B 125 11.23 4.41 -23.15
N TYR B 126 10.91 3.42 -23.98
CA TYR B 126 10.89 2.00 -23.56
C TYR B 126 12.15 1.27 -24.09
N SER B 127 12.76 0.51 -23.17
CA SER B 127 13.95 -0.35 -23.39
C SER B 127 13.58 -1.69 -24.06
N VAL B 128 12.49 -2.29 -23.61
CA VAL B 128 12.05 -3.62 -24.10
C VAL B 128 10.55 -3.65 -23.92
N ILE B 129 9.86 -4.36 -24.80
CA ILE B 129 8.38 -4.43 -24.70
C ILE B 129 7.96 -5.88 -24.61
N MET B 130 7.20 -6.22 -23.57
CA MET B 130 6.76 -7.62 -23.39
C MET B 130 5.25 -7.65 -23.40
N LEU B 131 4.64 -8.57 -24.15
CA LEU B 131 3.17 -8.68 -24.21
C LEU B 131 2.73 -9.99 -23.56
N ASP B 132 1.89 -9.89 -22.52
CA ASP B 132 1.43 -11.06 -21.73
C ASP B 132 0.04 -11.51 -22.17
N GLU B 133 -0.50 -10.95 -23.25
CA GLU B 133 -1.87 -11.34 -23.68
C GLU B 133 -1.89 -12.85 -23.97
N ALA B 134 -0.88 -13.35 -24.67
CA ALA B 134 -0.71 -14.81 -24.91
C ALA B 134 -1.95 -15.44 -25.55
N HIS B 135 -2.40 -16.56 -24.97
CA HIS B 135 -3.51 -17.38 -25.52
C HIS B 135 -4.78 -16.53 -25.64
N GLU B 136 -5.11 -15.75 -24.62
CA GLU B 136 -6.27 -14.83 -24.80
C GLU B 136 -5.75 -13.64 -25.61
N ARG B 137 -6.27 -13.46 -26.83
CA ARG B 137 -5.80 -12.35 -27.71
C ARG B 137 -6.97 -11.48 -28.15
N THR B 138 -6.78 -10.16 -28.05
CA THR B 138 -7.78 -9.14 -28.47
C THR B 138 -7.45 -8.74 -29.91
N ILE B 139 -8.38 -8.07 -30.61
CA ILE B 139 -8.05 -7.60 -31.99
C ILE B 139 -6.91 -6.58 -31.91
N ALA B 140 -6.94 -5.71 -30.89
CA ALA B 140 -5.88 -4.68 -30.70
C ALA B 140 -4.52 -5.36 -30.53
N THR B 141 -4.45 -6.47 -29.78
CA THR B 141 -3.13 -7.13 -29.59
C THR B 141 -2.60 -7.53 -30.97
N ASP B 142 -3.44 -8.14 -31.80
CA ASP B 142 -2.99 -8.39 -33.20
C ASP B 142 -2.51 -7.11 -33.86
N VAL B 143 -3.16 -6.01 -33.53
CA VAL B 143 -2.82 -4.66 -34.01
C VAL B 143 -1.49 -4.28 -33.39
N LEU B 144 -1.33 -4.56 -32.09
CA LEU B 144 -0.08 -4.23 -31.38
C LEU B 144 1.09 -5.02 -32.00
N PHE B 145 0.85 -6.27 -32.34
CA PHE B 145 1.89 -7.13 -32.94
C PHE B 145 2.38 -6.52 -34.22
N ALA B 146 1.47 -6.10 -35.08
CA ALA B 146 1.80 -5.52 -36.40
C ALA B 146 2.57 -4.22 -36.24
N LEU B 147 2.11 -3.35 -35.33
CA LEU B 147 2.78 -2.05 -35.06
C LEU B 147 4.19 -2.27 -34.49
N LEU B 148 4.31 -3.26 -33.58
CA LEU B 148 5.60 -3.51 -32.91
C LEU B 148 6.59 -4.07 -33.93
N LYS B 149 6.11 -4.86 -34.91
CA LYS B 149 7.00 -5.42 -35.92
C LYS B 149 7.57 -4.29 -36.75
N LYS B 150 6.74 -3.35 -37.13
CA LYS B 150 7.19 -2.19 -37.94
C LYS B 150 8.11 -1.34 -37.11
N THR B 151 7.83 -1.20 -35.80
CA THR B 151 8.64 -0.36 -34.88
C THR B 151 10.05 -0.97 -34.83
N VAL B 152 10.08 -2.31 -34.79
CA VAL B 152 11.35 -3.07 -34.65
C VAL B 152 12.20 -2.84 -35.90
N LYS B 153 11.57 -2.90 -37.07
CA LYS B 153 12.27 -2.62 -38.35
C LYS B 153 12.87 -1.21 -38.35
N ARG B 154 12.17 -0.24 -37.77
CA ARG B 154 12.71 1.14 -37.63
C ARG B 154 13.62 1.30 -36.41
N ARG B 155 13.67 0.32 -35.53
CA ARG B 155 14.46 0.44 -34.29
C ARG B 155 15.02 -0.92 -33.84
N PRO B 156 16.30 -1.21 -34.10
CA PRO B 156 16.89 -2.50 -33.73
C PRO B 156 17.23 -2.72 -32.25
N ASP B 157 17.58 -1.65 -31.55
CA ASP B 157 18.03 -1.82 -30.14
C ASP B 157 16.87 -2.34 -29.27
N LEU B 158 15.66 -1.89 -29.59
CA LEU B 158 14.42 -2.32 -28.90
C LEU B 158 14.22 -3.82 -29.14
N LYS B 159 13.94 -4.52 -28.05
CA LYS B 159 13.65 -5.97 -28.00
C LYS B 159 12.18 -6.14 -27.64
N VAL B 160 11.56 -7.10 -28.31
CA VAL B 160 10.14 -7.45 -28.06
C VAL B 160 10.03 -8.92 -27.59
N ILE B 161 9.29 -9.07 -26.47
CA ILE B 161 9.01 -10.42 -25.90
C ILE B 161 7.53 -10.70 -26.09
N VAL B 162 7.20 -11.84 -26.67
CA VAL B 162 5.79 -12.20 -26.97
C VAL B 162 5.48 -13.54 -26.34
N THR B 163 4.63 -13.57 -25.31
CA THR B 163 4.29 -14.83 -24.66
C THR B 163 3.37 -15.61 -25.58
N SER B 164 3.27 -16.92 -25.37
CA SER B 164 2.36 -17.73 -26.19
C SER B 164 1.92 -19.00 -25.45
N ALA B 165 0.79 -19.53 -25.89
CA ALA B 165 0.45 -20.94 -25.61
C ALA B 165 1.28 -21.83 -26.55
N THR B 166 1.43 -23.09 -26.16
CA THR B 166 2.22 -24.07 -26.94
C THR B 166 1.65 -24.27 -28.34
N LEU B 167 0.33 -24.26 -28.48
CA LEU B 167 -0.31 -24.38 -29.80
C LEU B 167 -0.02 -23.15 -30.65
N ASP B 168 -0.15 -21.98 -30.04
CA ASP B 168 0.02 -20.68 -30.73
C ASP B 168 1.50 -20.38 -31.01
N ALA B 169 2.39 -21.04 -30.27
CA ALA B 169 3.85 -20.72 -30.30
C ALA B 169 4.41 -20.85 -31.71
N GLU B 170 4.06 -21.92 -32.43
CA GLU B 170 4.63 -22.11 -33.78
C GLU B 170 4.07 -21.02 -34.69
N LYS B 171 2.78 -20.74 -34.54
CA LYS B 171 2.09 -19.69 -35.31
C LYS B 171 2.72 -18.32 -35.07
N PHE B 172 3.01 -18.01 -33.82
CA PHE B 172 3.57 -16.67 -33.48
C PHE B 172 4.95 -16.52 -34.08
N SER B 173 5.77 -17.57 -34.06
CA SER B 173 7.14 -17.51 -34.63
C SER B 173 7.09 -17.10 -36.10
N GLU B 174 6.33 -17.81 -36.92
CA GLU B 174 6.28 -17.55 -38.37
C GLU B 174 5.89 -16.10 -38.64
N TYR B 175 4.99 -15.58 -37.82
CA TYR B 175 4.49 -14.18 -37.97
C TYR B 175 5.66 -13.25 -37.66
N PHE B 176 6.39 -13.50 -36.57
CA PHE B 176 7.51 -12.61 -36.21
C PHE B 176 8.85 -13.02 -36.83
N ASN B 177 8.90 -13.27 -38.12
CA ASN B 177 10.16 -13.54 -38.88
C ASN B 177 10.91 -14.79 -38.33
N SER B 178 10.14 -15.81 -37.99
CA SER B 178 10.62 -17.13 -37.49
C SER B 178 11.57 -16.96 -36.31
N CYS B 179 11.16 -16.15 -35.35
CA CYS B 179 11.97 -15.88 -34.13
C CYS B 179 11.99 -17.11 -33.23
N PRO B 180 13.06 -17.30 -32.42
CA PRO B 180 13.21 -18.47 -31.55
C PRO B 180 12.10 -18.68 -30.50
N ILE B 181 11.50 -19.85 -30.54
CA ILE B 181 10.41 -20.20 -29.61
C ILE B 181 11.03 -20.72 -28.32
N PHE B 182 11.55 -19.84 -27.49
CA PHE B 182 12.05 -20.25 -26.16
C PHE B 182 10.89 -20.81 -25.32
N THR B 183 11.12 -21.99 -24.79
CA THR B 183 10.11 -22.80 -24.06
C THR B 183 10.53 -23.07 -22.61
N ILE B 184 9.59 -23.16 -21.72
CA ILE B 184 9.84 -23.42 -20.28
C ILE B 184 9.00 -24.62 -19.87
N PRO B 185 9.59 -25.59 -19.16
CA PRO B 185 8.85 -26.75 -18.66
C PRO B 185 7.80 -26.38 -17.59
N GLY B 186 6.96 -27.37 -17.31
CA GLY B 186 5.99 -27.31 -16.19
C GLY B 186 6.47 -28.03 -14.95
N PHE B 189 2.37 -32.63 -14.31
CA PHE B 189 1.91 -33.95 -13.85
C PHE B 189 0.66 -34.25 -14.68
N PRO B 190 0.21 -35.50 -14.72
CA PRO B 190 -1.02 -35.87 -15.41
C PRO B 190 -2.29 -35.47 -14.66
N VAL B 191 -3.39 -35.52 -15.41
CA VAL B 191 -4.74 -35.20 -14.90
C VAL B 191 -5.74 -36.12 -15.56
N GLU B 192 -6.46 -36.92 -14.80
CA GLU B 192 -7.49 -37.80 -15.41
C GLU B 192 -8.67 -36.89 -15.73
N ILE B 193 -9.35 -37.16 -16.83
CA ILE B 193 -10.49 -36.33 -17.23
C ILE B 193 -11.74 -37.20 -17.31
N LEU B 194 -12.78 -36.84 -16.56
CA LEU B 194 -14.03 -37.64 -16.46
C LEU B 194 -15.17 -36.82 -17.05
N TYR B 195 -15.70 -37.31 -18.16
CA TYR B 195 -16.86 -36.67 -18.82
C TYR B 195 -18.19 -37.14 -18.23
N SER B 196 -19.23 -36.38 -18.48
CA SER B 196 -20.61 -36.71 -18.07
C SER B 196 -21.20 -37.75 -19.01
N ARG B 197 -21.89 -38.74 -18.46
CA ARG B 197 -22.54 -39.79 -19.28
C ARG B 197 -23.64 -39.21 -20.19
N GLU B 198 -24.47 -38.34 -19.63
CA GLU B 198 -25.60 -37.69 -20.34
C GLU B 198 -25.47 -36.19 -20.11
N PRO B 199 -25.93 -35.31 -21.04
CA PRO B 199 -25.93 -33.86 -20.82
C PRO B 199 -26.59 -33.39 -19.52
N GLU B 200 -26.17 -32.22 -19.04
CA GLU B 200 -26.54 -31.70 -17.70
C GLU B 200 -27.44 -30.48 -17.93
N PRO B 201 -28.78 -30.60 -17.72
CA PRO B 201 -29.70 -29.47 -17.87
C PRO B 201 -29.31 -28.19 -17.10
N ASP B 202 -28.87 -28.35 -15.86
CA ASP B 202 -28.47 -27.23 -15.01
C ASP B 202 -26.99 -27.41 -14.66
N TYR B 203 -26.14 -26.48 -15.11
CA TYR B 203 -24.69 -26.59 -14.88
C TYR B 203 -24.37 -26.19 -13.44
N LEU B 204 -25.19 -25.32 -12.85
CA LEU B 204 -24.97 -24.87 -11.45
C LEU B 204 -25.25 -26.03 -10.48
N GLU B 205 -26.37 -26.71 -10.66
CA GLU B 205 -26.76 -27.86 -9.81
C GLU B 205 -25.73 -28.97 -9.96
N ALA B 206 -25.35 -29.28 -11.20
CA ALA B 206 -24.39 -30.35 -11.52
C ALA B 206 -23.06 -30.07 -10.81
N ALA B 207 -22.67 -28.78 -10.77
CA ALA B 207 -21.41 -28.37 -10.16
C ALA B 207 -21.48 -28.56 -8.64
N LEU B 208 -22.62 -28.21 -8.05
CA LEU B 208 -22.84 -28.39 -6.60
C LEU B 208 -22.87 -29.88 -6.25
N THR B 209 -23.63 -30.66 -7.02
CA THR B 209 -23.70 -32.14 -6.90
C THR B 209 -22.29 -32.74 -6.96
N THR B 210 -21.48 -32.27 -7.91
CA THR B 210 -20.12 -32.83 -8.16
C THR B 210 -19.18 -32.47 -7.02
N VAL B 211 -19.28 -31.26 -6.47
CA VAL B 211 -18.41 -30.85 -5.33
C VAL B 211 -18.70 -31.73 -4.13
N MET B 212 -19.99 -32.01 -3.92
CA MET B 212 -20.43 -32.87 -2.80
C MET B 212 -19.86 -34.29 -3.00
N GLN B 213 -20.08 -34.88 -4.17
CA GLN B 213 -19.58 -36.22 -4.53
C GLN B 213 -18.07 -36.34 -4.34
N ILE B 214 -17.32 -35.34 -4.80
CA ILE B 214 -15.83 -35.34 -4.63
C ILE B 214 -15.49 -35.34 -3.14
N HIS B 215 -16.17 -34.49 -2.36
CA HIS B 215 -15.82 -34.34 -0.93
C HIS B 215 -16.08 -35.64 -0.18
N LEU B 216 -17.23 -36.23 -0.41
CA LEU B 216 -17.72 -37.37 0.39
C LEU B 216 -17.10 -38.69 -0.08
N THR B 217 -16.55 -38.74 -1.30
CA THR B 217 -16.18 -40.04 -1.93
C THR B 217 -14.81 -40.10 -2.62
N GLU B 218 -13.97 -39.05 -2.57
CA GLU B 218 -12.68 -39.10 -3.27
C GLU B 218 -11.53 -38.94 -2.28
N PRO B 219 -10.32 -39.47 -2.56
CA PRO B 219 -9.14 -39.27 -1.70
C PRO B 219 -8.73 -37.80 -1.51
N PRO B 220 -7.89 -37.44 -0.49
CA PRO B 220 -7.54 -36.04 -0.20
C PRO B 220 -7.08 -35.15 -1.34
N GLY B 221 -7.32 -33.84 -1.19
CA GLY B 221 -6.98 -32.88 -2.23
C GLY B 221 -8.07 -31.84 -2.42
N ASP B 222 -7.68 -30.59 -2.53
CA ASP B 222 -8.61 -29.43 -2.59
C ASP B 222 -9.25 -29.35 -3.97
N ILE B 223 -10.45 -28.76 -4.01
CA ILE B 223 -11.29 -28.66 -5.22
C ILE B 223 -11.29 -27.22 -5.76
N LEU B 224 -11.32 -27.09 -7.08
CA LEU B 224 -11.46 -25.78 -7.78
C LEU B 224 -12.65 -25.87 -8.74
N VAL B 225 -13.65 -25.03 -8.54
CA VAL B 225 -14.86 -25.00 -9.38
C VAL B 225 -14.83 -23.72 -10.20
N PHE B 226 -15.14 -23.84 -11.49
CA PHE B 226 -15.26 -22.65 -12.38
C PHE B 226 -16.74 -22.30 -12.57
N LEU B 227 -17.15 -21.15 -12.04
CA LEU B 227 -18.47 -20.59 -12.38
C LEU B 227 -18.29 -19.29 -13.15
N THR B 228 -19.39 -18.58 -13.38
CA THR B 228 -19.47 -17.59 -14.48
C THR B 228 -19.46 -16.14 -13.98
N GLY B 229 -20.14 -15.86 -12.86
CA GLY B 229 -20.20 -14.50 -12.31
C GLY B 229 -20.00 -14.47 -10.81
N GLN B 230 -19.99 -13.26 -10.26
CA GLN B 230 -19.91 -13.06 -8.80
C GLN B 230 -21.19 -13.54 -8.13
N GLU B 231 -22.35 -13.13 -8.66
CA GLU B 231 -23.64 -13.56 -8.09
C GLU B 231 -23.78 -15.08 -8.10
N GLU B 232 -23.39 -15.70 -9.20
CA GLU B 232 -23.44 -17.17 -9.36
C GLU B 232 -22.59 -17.88 -8.32
N ILE B 233 -21.39 -17.33 -8.07
CA ILE B 233 -20.42 -17.94 -7.11
C ILE B 233 -20.97 -17.81 -5.69
N ASP B 234 -21.46 -16.62 -5.34
CA ASP B 234 -21.99 -16.34 -3.98
C ASP B 234 -23.20 -17.22 -3.70
N THR B 235 -24.05 -17.39 -4.72
CA THR B 235 -25.25 -18.24 -4.62
C THR B 235 -24.80 -19.67 -4.40
N ALA B 236 -23.75 -20.10 -5.13
CA ALA B 236 -23.19 -21.45 -4.99
C ALA B 236 -22.62 -21.67 -3.59
N CYS B 237 -21.90 -20.68 -3.06
CA CYS B 237 -21.26 -20.80 -1.72
C CYS B 237 -22.32 -20.98 -0.64
N GLU B 238 -23.41 -20.20 -0.70
CA GLU B 238 -24.46 -20.30 0.35
C GLU B 238 -25.17 -21.64 0.28
N ILE B 239 -25.48 -22.11 -0.92
CA ILE B 239 -26.20 -23.41 -1.11
C ILE B 239 -25.30 -24.54 -0.62
N LEU B 240 -24.01 -24.49 -0.96
CA LEU B 240 -23.06 -25.53 -0.55
C LEU B 240 -22.96 -25.58 0.98
N TYR B 241 -22.85 -24.41 1.60
CA TYR B 241 -22.77 -24.26 3.06
C TYR B 241 -23.99 -24.87 3.74
N GLU B 242 -25.17 -24.65 3.14
CA GLU B 242 -26.47 -25.08 3.74
C GLU B 242 -26.61 -26.60 3.59
N ARG B 243 -26.10 -27.17 2.49
CA ARG B 243 -26.16 -28.63 2.27
C ARG B 243 -25.19 -29.37 3.19
N MET B 244 -24.00 -28.83 3.40
CA MET B 244 -23.00 -29.48 4.27
C MET B 244 -23.47 -29.50 5.72
N LYS B 245 -24.02 -28.39 6.21
CA LYS B 245 -24.50 -28.30 7.61
C LYS B 245 -25.69 -29.26 7.80
N ALA B 246 -26.54 -29.36 6.78
CA ALA B 246 -27.72 -30.24 6.82
C ALA B 246 -27.32 -31.71 6.94
N LEU B 247 -26.23 -32.11 6.29
CA LEU B 247 -25.79 -33.53 6.28
C LEU B 247 -25.68 -34.05 7.72
N GLY B 248 -24.92 -33.33 8.55
CA GLY B 248 -24.73 -33.62 9.98
C GLY B 248 -23.47 -32.95 10.52
N PRO B 249 -23.24 -33.02 11.85
CA PRO B 249 -21.98 -32.59 12.46
C PRO B 249 -20.77 -33.52 12.18
N SER B 250 -21.01 -34.84 12.08
CA SER B 250 -19.96 -35.89 12.00
C SER B 250 -19.20 -35.80 10.66
N VAL B 251 -19.85 -35.32 9.60
CA VAL B 251 -19.27 -35.24 8.22
C VAL B 251 -18.04 -34.33 8.24
N PRO B 252 -16.94 -34.69 7.54
CA PRO B 252 -15.72 -33.86 7.51
C PRO B 252 -15.92 -32.44 6.97
N GLU B 253 -15.21 -31.50 7.56
CA GLU B 253 -15.37 -30.06 7.28
C GLU B 253 -14.98 -29.74 5.82
N LEU B 254 -15.79 -28.90 5.20
CA LEU B 254 -15.52 -28.36 3.85
C LEU B 254 -15.40 -26.84 3.95
N ILE B 255 -14.20 -26.34 3.80
CA ILE B 255 -13.93 -24.87 3.77
C ILE B 255 -14.31 -24.36 2.38
N ILE B 256 -15.31 -23.50 2.32
CA ILE B 256 -15.87 -22.95 1.06
C ILE B 256 -15.42 -21.50 0.88
N LEU B 257 -14.64 -21.24 -0.16
CA LEU B 257 -14.07 -19.88 -0.38
C LEU B 257 -14.35 -19.41 -1.80
N PRO B 258 -14.98 -18.22 -1.98
CA PRO B 258 -15.15 -17.66 -3.31
C PRO B 258 -13.88 -16.94 -3.79
N ILE B 259 -13.74 -16.82 -5.11
CA ILE B 259 -12.79 -15.85 -5.68
C ILE B 259 -13.30 -15.20 -6.99
N SER B 279 -9.79 -31.68 7.17
CA SER B 279 -10.75 -30.81 6.43
C SER B 279 -10.35 -30.63 4.96
N ARG B 280 -11.32 -30.38 4.09
CA ARG B 280 -11.05 -30.18 2.64
C ARG B 280 -11.49 -28.77 2.25
N LYS B 281 -10.80 -28.18 1.29
CA LYS B 281 -11.10 -26.82 0.81
C LYS B 281 -11.63 -26.88 -0.62
N VAL B 282 -12.68 -26.11 -0.87
CA VAL B 282 -13.25 -25.92 -2.23
C VAL B 282 -13.17 -24.44 -2.57
N VAL B 283 -12.59 -24.13 -3.71
CA VAL B 283 -12.47 -22.75 -4.22
C VAL B 283 -13.44 -22.61 -5.37
N ILE B 284 -14.46 -21.77 -5.18
CA ILE B 284 -15.47 -21.49 -6.22
C ILE B 284 -15.07 -20.22 -6.96
N ALA B 285 -14.76 -20.35 -8.25
CA ALA B 285 -14.02 -19.29 -8.96
C ALA B 285 -14.69 -18.91 -10.28
N THR B 286 -14.30 -17.75 -10.79
CA THR B 286 -14.45 -17.39 -12.21
C THR B 286 -13.22 -17.90 -12.96
N ASN B 287 -13.10 -17.50 -14.22
CA ASN B 287 -11.93 -17.85 -15.06
C ASN B 287 -10.63 -17.25 -14.56
N ILE B 288 -10.68 -16.44 -13.51
CA ILE B 288 -9.48 -15.80 -12.92
C ILE B 288 -8.52 -16.89 -12.40
N TYR B 297 -1.92 -26.74 -4.36
CA TYR B 297 -2.59 -27.91 -3.72
C TYR B 297 -4.02 -28.09 -4.21
N ILE B 298 -4.28 -27.82 -5.47
CA ILE B 298 -5.57 -28.19 -6.09
C ILE B 298 -5.32 -29.49 -6.85
N TYR B 299 -6.12 -30.51 -6.52
CA TYR B 299 -6.00 -31.81 -7.19
C TYR B 299 -7.29 -32.15 -7.93
N TYR B 300 -8.37 -31.40 -7.72
CA TYR B 300 -9.68 -31.68 -8.32
C TYR B 300 -10.23 -30.41 -8.96
N VAL B 301 -10.78 -30.56 -10.15
CA VAL B 301 -11.40 -29.43 -10.91
C VAL B 301 -12.80 -29.85 -11.35
N VAL B 302 -13.77 -29.01 -11.08
CA VAL B 302 -15.15 -29.15 -11.62
C VAL B 302 -15.29 -28.14 -12.75
N ASP B 303 -15.60 -28.64 -13.95
CA ASP B 303 -15.66 -27.82 -15.18
C ASP B 303 -17.07 -27.86 -15.74
N PRO B 304 -17.97 -26.93 -15.33
CA PRO B 304 -19.30 -26.88 -15.93
C PRO B 304 -19.33 -26.57 -17.43
N GLY B 305 -18.28 -25.90 -17.92
CA GLY B 305 -18.05 -25.72 -19.36
C GLY B 305 -18.52 -24.41 -19.93
N PHE B 306 -18.81 -23.44 -19.07
CA PHE B 306 -19.32 -22.11 -19.53
C PHE B 306 -18.39 -20.99 -19.06
N VAL B 307 -18.37 -19.92 -19.85
CA VAL B 307 -17.68 -18.68 -19.49
C VAL B 307 -18.60 -17.54 -19.94
N LYS B 308 -18.50 -16.41 -19.25
CA LYS B 308 -19.24 -15.19 -19.61
C LYS B 308 -18.41 -14.43 -20.66
N LEU B 321 -22.41 -9.49 -22.75
CA LEU B 321 -21.86 -10.59 -21.93
C LEU B 321 -22.91 -11.68 -21.91
N VAL B 322 -22.54 -12.82 -22.50
CA VAL B 322 -23.42 -14.02 -22.53
C VAL B 322 -22.65 -15.20 -21.97
N VAL B 323 -23.27 -15.95 -21.07
CA VAL B 323 -22.75 -17.26 -20.63
C VAL B 323 -22.77 -18.18 -21.84
N THR B 324 -21.61 -18.54 -22.37
CA THR B 324 -21.56 -19.39 -23.57
C THR B 324 -20.57 -20.51 -23.33
N PRO B 325 -20.65 -21.62 -24.10
CA PRO B 325 -19.67 -22.72 -23.99
C PRO B 325 -18.24 -22.25 -24.17
N ILE B 326 -17.34 -22.82 -23.38
CA ILE B 326 -15.89 -22.53 -23.49
C ILE B 326 -15.33 -23.21 -24.72
N SER B 327 -14.08 -22.93 -25.02
CA SER B 327 -13.35 -23.60 -26.12
C SER B 327 -12.61 -24.82 -25.58
N GLN B 328 -12.12 -25.64 -26.51
CA GLN B 328 -11.27 -26.81 -26.17
C GLN B 328 -10.03 -26.36 -25.42
N ALA B 329 -9.33 -25.33 -25.94
CA ALA B 329 -8.10 -24.81 -25.34
C ALA B 329 -8.40 -24.31 -23.91
N GLN B 330 -9.55 -23.69 -23.74
CA GLN B 330 -9.96 -23.15 -22.43
C GLN B 330 -10.25 -24.32 -21.49
N ALA B 331 -10.94 -25.34 -22.01
CA ALA B 331 -11.28 -26.54 -21.23
C ALA B 331 -10.03 -27.29 -20.77
N ASN B 332 -9.02 -27.36 -21.65
CA ASN B 332 -7.77 -28.06 -21.31
C ASN B 332 -7.00 -27.23 -20.27
N GLN B 333 -7.01 -25.91 -20.43
CA GLN B 333 -6.35 -24.99 -19.50
C GLN B 333 -6.93 -25.21 -18.09
N ARG B 334 -8.28 -25.35 -18.02
CA ARG B 334 -8.98 -25.60 -16.76
C ARG B 334 -8.56 -26.96 -16.16
N ALA B 335 -8.44 -27.99 -17.01
CA ALA B 335 -7.98 -29.33 -16.61
C ALA B 335 -6.60 -29.27 -15.95
N GLY B 336 -5.69 -28.49 -16.53
CA GLY B 336 -4.31 -28.33 -16.06
C GLY B 336 -4.22 -27.77 -14.64
N ARG B 337 -5.31 -27.20 -14.12
CA ARG B 337 -5.29 -26.64 -12.75
C ARG B 337 -5.07 -27.74 -11.72
N ALA B 338 -5.68 -28.90 -11.96
CA ALA B 338 -5.59 -30.08 -11.12
C ALA B 338 -4.17 -30.64 -11.11
N GLY B 339 -3.39 -30.38 -12.15
CA GLY B 339 -2.07 -30.99 -12.29
C GLY B 339 -0.90 -30.11 -11.91
N ARG B 340 -1.10 -28.90 -11.40
CA ARG B 340 0.04 -28.03 -11.05
C ARG B 340 0.84 -28.57 -9.85
N THR B 341 0.16 -28.99 -8.80
CA THR B 341 0.86 -29.44 -7.57
C THR B 341 1.16 -30.94 -7.59
N GLY B 342 0.09 -31.76 -7.71
CA GLY B 342 0.23 -33.20 -7.82
C GLY B 342 -0.55 -33.72 -9.03
N PRO B 343 -0.57 -35.05 -9.19
CA PRO B 343 -1.52 -35.69 -10.11
C PRO B 343 -2.98 -35.47 -9.68
N GLY B 344 -3.87 -35.36 -10.64
CA GLY B 344 -5.23 -34.95 -10.30
C GLY B 344 -6.33 -35.39 -11.25
N LYS B 345 -7.53 -34.88 -10.98
CA LYS B 345 -8.73 -35.24 -11.77
C LYS B 345 -9.48 -33.96 -12.15
N CYS B 346 -10.15 -34.02 -13.30
CA CYS B 346 -11.03 -32.92 -13.76
C CYS B 346 -12.35 -33.56 -14.12
N PHE B 347 -13.41 -33.05 -13.51
CA PHE B 347 -14.78 -33.54 -13.81
C PHE B 347 -15.44 -32.54 -14.75
N ARG B 348 -15.53 -32.90 -16.02
CA ARG B 348 -16.21 -32.07 -17.02
C ARG B 348 -17.69 -32.43 -16.97
N LEU B 349 -18.54 -31.40 -16.94
CA LEU B 349 -19.99 -31.62 -16.79
C LEU B 349 -20.68 -31.63 -18.14
N TYR B 350 -19.96 -31.96 -19.20
CA TYR B 350 -20.51 -32.08 -20.55
C TYR B 350 -20.05 -33.41 -21.14
N THR B 351 -20.81 -33.93 -22.10
CA THR B 351 -20.52 -35.20 -22.75
C THR B 351 -19.30 -35.12 -23.66
N GLU B 352 -18.74 -36.27 -23.99
CA GLU B 352 -17.56 -36.40 -24.93
C GLU B 352 -17.91 -35.69 -26.24
N ALA B 353 -19.02 -36.08 -26.87
CA ALA B 353 -19.64 -35.39 -28.01
C ALA B 353 -19.50 -33.87 -27.92
N ALA B 354 -19.97 -33.32 -26.80
CA ALA B 354 -19.99 -31.85 -26.60
C ALA B 354 -18.60 -31.25 -26.78
N TYR B 355 -17.55 -31.91 -26.29
CA TYR B 355 -16.19 -31.37 -26.42
C TYR B 355 -15.83 -31.14 -27.89
N GLN B 356 -16.11 -32.14 -28.72
CA GLN B 356 -15.78 -32.06 -30.15
C GLN B 356 -16.90 -31.35 -30.92
N SER B 357 -18.15 -31.75 -30.70
CA SER B 357 -19.31 -31.23 -31.49
C SER B 357 -19.62 -29.77 -31.17
N GLU B 358 -19.63 -29.38 -29.89
CA GLU B 358 -20.20 -28.06 -29.55
C GLU B 358 -19.14 -27.05 -29.08
N MET B 359 -17.86 -27.43 -28.95
CA MET B 359 -16.85 -26.50 -28.45
C MET B 359 -15.85 -26.18 -29.55
N LEU B 360 -15.64 -24.89 -29.81
CA LEU B 360 -14.61 -24.43 -30.76
C LEU B 360 -13.24 -24.86 -30.25
N PRO B 361 -12.30 -25.25 -31.13
CA PRO B 361 -10.93 -25.53 -30.71
C PRO B 361 -10.27 -24.35 -29.97
N ASN B 371 -14.93 -0.59 -29.05
CA ASN B 371 -13.61 -1.16 -28.66
C ASN B 371 -12.79 -1.50 -29.90
N LEU B 372 -13.35 -2.31 -30.80
CA LEU B 372 -12.82 -2.38 -32.19
C LEU B 372 -12.85 -0.99 -32.87
N ALA B 373 -13.95 -0.27 -32.71
CA ALA B 373 -14.10 1.14 -33.19
C ALA B 373 -12.98 2.02 -32.67
N ASN B 374 -12.74 1.91 -31.36
CA ASN B 374 -11.64 2.63 -30.66
C ASN B 374 -10.32 2.29 -31.33
N THR B 375 -10.03 1.01 -31.54
CA THR B 375 -8.79 0.55 -32.19
C THR B 375 -8.62 1.16 -33.58
N ILE B 376 -9.69 1.10 -34.39
CA ILE B 376 -9.67 1.62 -35.79
C ILE B 376 -9.38 3.11 -35.75
N LEU B 377 -10.06 3.85 -34.88
CA LEU B 377 -9.91 5.31 -34.71
C LEU B 377 -8.43 5.66 -34.45
N LEU B 378 -7.81 4.88 -33.57
CA LEU B 378 -6.40 5.10 -33.19
C LEU B 378 -5.50 4.85 -34.39
N LEU B 379 -5.82 3.83 -35.18
CA LEU B 379 -5.04 3.50 -36.40
C LEU B 379 -5.16 4.63 -37.39
N LYS B 380 -6.32 5.22 -37.54
CA LYS B 380 -6.57 6.35 -38.43
C LYS B 380 -5.78 7.56 -37.95
N ALA B 381 -5.73 7.74 -36.63
CA ALA B 381 -4.97 8.87 -36.04
C ALA B 381 -3.49 8.70 -36.34
N MET B 382 -3.01 7.47 -36.43
CA MET B 382 -1.61 7.14 -36.75
C MET B 382 -1.36 7.28 -38.25
N GLY B 383 -2.40 7.55 -39.02
CA GLY B 383 -2.26 7.76 -40.46
C GLY B 383 -2.33 6.46 -41.19
N ILE B 384 -2.87 5.44 -40.56
CA ILE B 384 -2.97 4.08 -41.18
C ILE B 384 -4.39 3.84 -41.64
N ASN B 385 -4.59 3.62 -42.93
CA ASN B 385 -5.90 3.26 -43.51
C ASN B 385 -5.67 1.92 -44.20
N ASP B 386 -6.56 1.50 -45.08
CA ASP B 386 -6.29 0.28 -45.89
C ASP B 386 -6.21 -0.95 -44.98
N LEU B 387 -7.26 -1.17 -44.22
CA LEU B 387 -7.35 -2.29 -43.29
C LEU B 387 -7.32 -3.64 -44.01
N LEU B 388 -7.56 -3.64 -45.31
CA LEU B 388 -7.47 -4.89 -46.11
C LEU B 388 -6.03 -5.39 -46.20
N ARG B 389 -5.10 -4.47 -46.45
CA ARG B 389 -3.70 -4.90 -46.66
C ARG B 389 -2.94 -4.90 -45.35
N PHE B 390 -3.55 -4.37 -44.27
CA PHE B 390 -2.93 -4.26 -42.96
C PHE B 390 -2.41 -5.62 -42.50
N ASP B 391 -1.31 -5.59 -41.75
CA ASP B 391 -0.49 -6.79 -41.49
C ASP B 391 -1.09 -7.54 -40.33
N PHE B 392 -2.36 -7.92 -40.41
CA PHE B 392 -3.05 -8.59 -39.32
C PHE B 392 -2.51 -10.00 -39.23
N MET B 393 -2.43 -10.52 -38.01
CA MET B 393 -2.01 -11.92 -37.78
C MET B 393 -3.24 -12.81 -37.98
N ASP B 394 -4.37 -12.40 -37.45
CA ASP B 394 -5.65 -13.11 -37.64
C ASP B 394 -6.55 -12.06 -38.27
N PRO B 395 -6.79 -12.11 -39.60
CA PRO B 395 -7.65 -11.14 -40.28
C PRO B 395 -9.03 -11.04 -39.63
N PRO B 396 -9.48 -9.84 -39.16
CA PRO B 396 -10.82 -9.72 -38.61
C PRO B 396 -11.86 -9.86 -39.73
N PRO B 397 -13.07 -10.43 -39.40
CA PRO B 397 -14.19 -10.48 -40.33
C PRO B 397 -14.45 -9.08 -40.92
N VAL B 398 -14.84 -9.05 -42.18
CA VAL B 398 -15.17 -7.80 -42.92
C VAL B 398 -16.37 -7.11 -42.30
N ASN B 399 -17.38 -7.84 -41.82
CA ASN B 399 -18.54 -7.17 -41.21
C ASN B 399 -18.12 -6.40 -39.97
N THR B 400 -17.15 -6.92 -39.21
CA THR B 400 -16.77 -6.31 -37.92
C THR B 400 -16.18 -4.93 -38.23
N MET B 401 -15.29 -4.88 -39.21
CA MET B 401 -14.53 -3.65 -39.53
C MET B 401 -15.50 -2.64 -40.14
N LEU B 402 -16.28 -3.12 -41.10
CA LEU B 402 -17.25 -2.29 -41.87
C LEU B 402 -18.24 -1.66 -40.91
N THR B 403 -18.73 -2.45 -39.94
CA THR B 403 -19.66 -1.91 -38.92
C THR B 403 -18.95 -0.77 -38.18
N ALA B 404 -17.71 -1.07 -37.73
CA ALA B 404 -16.94 -0.14 -36.89
C ALA B 404 -16.71 1.16 -37.66
N LEU B 405 -16.39 1.03 -38.95
CA LEU B 405 -16.07 2.19 -39.80
C LEU B 405 -17.34 3.03 -39.96
N GLU B 406 -18.49 2.36 -40.17
CA GLU B 406 -19.74 3.11 -40.40
C GLU B 406 -20.19 3.74 -39.11
N GLU B 407 -19.88 3.12 -37.97
CA GLU B 407 -20.22 3.70 -36.64
C GLU B 407 -19.40 4.93 -36.38
N LEU B 408 -18.14 4.94 -36.78
CA LEU B 408 -17.27 6.13 -36.64
C LEU B 408 -17.72 7.23 -37.60
N TYR B 409 -18.11 6.83 -38.80
CA TYR B 409 -18.68 7.77 -39.80
C TYR B 409 -19.91 8.47 -39.22
N ALA B 410 -20.84 7.69 -38.66
CA ALA B 410 -22.06 8.18 -38.02
C ALA B 410 -21.72 9.16 -36.88
N LEU B 411 -20.71 8.81 -36.10
CA LEU B 411 -20.23 9.71 -35.02
C LEU B 411 -19.54 10.96 -35.59
N GLY B 412 -19.05 10.85 -36.81
CA GLY B 412 -18.37 11.99 -37.43
C GLY B 412 -16.91 12.05 -37.08
N ALA B 413 -16.35 10.90 -36.80
CA ALA B 413 -14.90 10.69 -36.64
C ALA B 413 -14.27 10.31 -37.96
N LEU B 414 -15.06 9.88 -38.93
CA LEU B 414 -14.64 9.70 -40.33
C LEU B 414 -15.66 10.40 -41.23
N ASP B 415 -15.21 10.74 -42.42
CA ASP B 415 -16.04 11.41 -43.43
C ASP B 415 -16.67 10.35 -44.34
N ASP B 416 -17.25 10.75 -45.46
CA ASP B 416 -17.94 9.80 -46.37
C ASP B 416 -16.88 8.87 -46.97
N GLU B 417 -15.70 9.39 -47.31
CA GLU B 417 -14.63 8.55 -47.89
C GLU B 417 -14.15 7.54 -46.85
N GLY B 418 -14.15 7.94 -45.58
CA GLY B 418 -13.62 7.09 -44.49
C GLY B 418 -12.46 7.75 -43.74
N LEU B 419 -11.93 8.82 -44.31
CA LEU B 419 -10.74 9.50 -43.76
C LEU B 419 -11.10 10.14 -42.43
N LEU B 420 -10.11 10.28 -41.56
CA LEU B 420 -10.26 10.85 -40.23
C LEU B 420 -10.69 12.31 -40.33
N THR B 421 -11.60 12.70 -39.49
CA THR B 421 -12.09 14.11 -39.34
C THR B 421 -11.23 14.84 -38.32
N ARG B 422 -11.26 16.17 -38.32
CA ARG B 422 -10.59 16.91 -37.23
C ARG B 422 -11.24 16.55 -35.91
N LEU B 423 -12.55 16.36 -35.90
CA LEU B 423 -13.29 15.85 -34.72
C LEU B 423 -12.82 14.43 -34.37
N GLY B 424 -12.57 13.57 -35.35
CA GLY B 424 -11.98 12.27 -35.12
C GLY B 424 -10.63 12.34 -34.46
N ARG B 425 -9.81 13.31 -34.86
CA ARG B 425 -8.47 13.46 -34.27
C ARG B 425 -8.63 13.93 -32.82
N LYS B 426 -9.63 14.79 -32.55
CA LYS B 426 -9.85 15.34 -31.21
C LYS B 426 -10.33 14.22 -30.29
N MET B 427 -11.22 13.39 -30.79
CA MET B 427 -11.82 12.28 -30.00
C MET B 427 -10.76 11.26 -29.62
N ALA B 428 -9.74 11.09 -30.45
CA ALA B 428 -8.65 10.13 -30.24
C ALA B 428 -7.87 10.50 -28.97
N ASP B 429 -7.80 11.78 -28.63
CA ASP B 429 -6.98 12.21 -27.49
C ASP B 429 -7.56 11.63 -26.18
N PHE B 430 -8.86 11.55 -26.10
CA PHE B 430 -9.58 11.04 -24.93
C PHE B 430 -9.48 9.52 -24.93
N PRO B 431 -9.08 8.89 -23.81
CA PRO B 431 -9.03 7.43 -23.71
C PRO B 431 -10.36 6.84 -23.19
N MET B 432 -11.26 6.58 -24.12
CA MET B 432 -12.55 5.96 -23.81
C MET B 432 -13.21 5.55 -25.13
N GLU B 433 -14.40 4.98 -24.99
CA GLU B 433 -15.17 4.49 -26.13
C GLU B 433 -15.42 5.69 -27.00
N PRO B 434 -15.41 5.59 -28.34
CA PRO B 434 -15.58 6.76 -29.20
C PRO B 434 -16.84 7.59 -28.95
N SER B 435 -17.90 6.86 -28.64
CA SER B 435 -19.22 7.45 -28.30
C SER B 435 -19.12 8.41 -27.13
N LEU B 436 -18.38 7.99 -26.08
CA LEU B 436 -18.23 8.78 -24.82
C LEU B 436 -17.44 10.08 -25.07
N SER B 437 -16.34 9.93 -25.80
CA SER B 437 -15.45 11.06 -26.16
C SER B 437 -16.25 12.08 -26.97
N LYS B 438 -17.01 11.56 -27.96
CA LYS B 438 -17.84 12.43 -28.83
C LYS B 438 -18.81 13.27 -28.03
N VAL B 439 -19.47 12.68 -27.05
CA VAL B 439 -20.47 13.37 -26.21
C VAL B 439 -19.78 14.50 -25.43
N LEU B 440 -18.61 14.20 -24.88
CA LEU B 440 -17.76 15.29 -24.27
C LEU B 440 -17.58 16.48 -25.19
N ILE B 441 -17.09 16.25 -26.40
CA ILE B 441 -16.73 17.33 -27.34
C ILE B 441 -17.99 18.04 -27.78
N ALA B 442 -19.06 17.29 -27.95
CA ALA B 442 -20.38 17.83 -28.33
C ALA B 442 -20.84 18.84 -27.30
N SER B 443 -20.65 18.53 -26.03
CA SER B 443 -21.17 19.37 -24.92
C SER B 443 -20.40 20.70 -24.85
N VAL B 444 -19.21 20.76 -25.42
CA VAL B 444 -18.48 22.04 -25.56
C VAL B 444 -19.24 22.90 -26.55
N ASP B 445 -19.68 22.32 -27.67
CA ASP B 445 -20.44 23.10 -28.67
C ASP B 445 -21.76 23.57 -28.04
N LYS B 446 -22.40 22.64 -27.33
CA LYS B 446 -23.73 22.93 -26.72
C LYS B 446 -23.60 23.91 -25.57
N GLY B 447 -22.44 23.86 -24.93
CA GLY B 447 -22.13 24.73 -23.76
C GLY B 447 -22.48 24.10 -22.44
N CYS B 448 -22.31 22.79 -22.32
CA CYS B 448 -22.66 22.04 -21.08
C CYS B 448 -21.59 20.99 -20.78
N SER B 449 -20.33 21.37 -20.91
CA SER B 449 -19.18 20.49 -20.71
C SER B 449 -18.93 20.28 -19.22
N ASP B 450 -19.40 21.15 -18.34
CA ASP B 450 -19.22 20.96 -16.89
C ASP B 450 -20.03 19.76 -16.41
N GLU B 451 -21.27 19.73 -16.84
CA GLU B 451 -22.24 18.71 -16.42
C GLU B 451 -21.94 17.39 -17.13
N MET B 452 -21.51 17.48 -18.38
CA MET B 452 -21.13 16.31 -19.20
C MET B 452 -19.92 15.54 -18.62
N VAL B 453 -18.86 16.24 -18.26
CA VAL B 453 -17.64 15.58 -17.72
C VAL B 453 -18.02 14.89 -16.41
N THR B 454 -18.95 15.51 -15.65
CA THR B 454 -19.44 14.95 -14.36
C THR B 454 -20.20 13.64 -14.60
N ILE B 455 -21.08 13.64 -15.59
CA ILE B 455 -21.87 12.44 -16.01
C ILE B 455 -20.94 11.34 -16.50
N VAL B 456 -20.03 11.67 -17.40
CA VAL B 456 -19.17 10.69 -18.12
C VAL B 456 -18.39 9.89 -17.08
N SER B 457 -17.99 10.57 -16.00
CA SER B 457 -17.15 9.96 -14.94
C SER B 457 -17.96 8.88 -14.24
N MET B 458 -19.25 9.15 -13.99
CA MET B 458 -20.13 8.22 -13.24
C MET B 458 -20.46 7.00 -14.10
N LEU B 459 -20.38 7.09 -15.42
CA LEU B 459 -20.68 5.93 -16.29
C LEU B 459 -19.59 4.86 -16.18
N ASN B 460 -18.35 5.25 -15.96
CA ASN B 460 -17.19 4.33 -15.80
C ASN B 460 -17.30 3.51 -14.52
N LEU B 461 -17.87 4.09 -13.47
CA LEU B 461 -17.96 3.43 -12.14
C LEU B 461 -18.73 2.11 -12.17
N GLN B 462 -18.27 1.13 -11.41
CA GLN B 462 -18.93 -0.19 -11.36
C GLN B 462 -20.15 -0.11 -10.42
N GLN B 463 -19.91 -0.09 -9.13
CA GLN B 463 -20.98 -0.07 -8.11
C GLN B 463 -21.04 1.34 -7.58
N ILE B 464 -22.21 1.90 -7.61
CA ILE B 464 -22.39 3.32 -7.21
C ILE B 464 -23.34 3.42 -6.02
N PHE B 465 -24.04 2.36 -5.72
CA PHE B 465 -25.09 2.38 -4.69
C PHE B 465 -25.05 1.11 -3.85
N TYR B 466 -24.93 1.26 -2.55
CA TYR B 466 -24.93 0.15 -1.59
C TYR B 466 -26.26 -0.60 -1.69
N ARG B 467 -26.19 -1.92 -1.57
CA ARG B 467 -27.38 -2.79 -1.74
C ARG B 467 -27.46 -3.75 -0.55
N PRO B 468 -27.82 -3.32 0.69
CA PRO B 468 -27.91 -4.26 1.81
C PRO B 468 -29.11 -5.18 1.61
N LYS B 469 -28.97 -6.46 2.03
CA LYS B 469 -30.04 -7.45 1.87
C LYS B 469 -31.09 -7.17 2.95
N ASP B 470 -30.66 -6.73 4.13
CA ASP B 470 -31.50 -6.49 5.33
C ASP B 470 -32.15 -5.10 5.25
N LYS B 471 -31.59 -4.15 4.47
CA LYS B 471 -32.10 -2.74 4.53
C LYS B 471 -32.37 -2.26 3.10
N GLN B 472 -33.00 -3.13 2.31
CA GLN B 472 -33.29 -2.87 0.88
C GLN B 472 -34.19 -1.64 0.75
N GLN B 473 -35.20 -1.49 1.60
CA GLN B 473 -36.26 -0.46 1.43
C GLN B 473 -35.69 0.93 1.71
N GLN B 474 -34.73 1.02 2.63
CA GLN B 474 -34.18 2.34 3.03
C GLN B 474 -33.20 2.82 1.98
N ALA B 475 -32.35 1.94 1.45
CA ALA B 475 -31.44 2.26 0.33
C ALA B 475 -32.19 2.82 -0.87
N ASP B 476 -33.24 2.13 -1.28
CA ASP B 476 -34.00 2.50 -2.48
C ASP B 476 -34.68 3.86 -2.27
N GLN B 477 -35.22 4.08 -1.07
CA GLN B 477 -35.82 5.41 -0.77
C GLN B 477 -34.74 6.47 -0.68
N LYS B 478 -33.50 6.13 -0.33
CA LYS B 478 -32.40 7.12 -0.35
C LYS B 478 -32.10 7.53 -1.79
N LYS B 479 -32.03 6.51 -2.67
CA LYS B 479 -31.72 6.71 -4.10
C LYS B 479 -32.77 7.63 -4.73
N ALA B 480 -34.01 7.53 -4.31
CA ALA B 480 -35.15 8.19 -4.99
C ALA B 480 -35.02 9.70 -4.92
N LYS B 481 -34.26 10.20 -3.96
CA LYS B 481 -34.07 11.64 -3.75
C LYS B 481 -33.38 12.25 -4.97
N PHE B 482 -32.45 11.51 -5.55
CA PHE B 482 -31.61 11.98 -6.66
C PHE B 482 -32.24 11.69 -8.03
N HIS B 483 -33.34 10.93 -8.09
CA HIS B 483 -34.05 10.62 -9.37
C HIS B 483 -34.43 11.92 -10.09
N ASP B 484 -33.98 12.06 -11.34
CA ASP B 484 -34.44 13.20 -12.18
C ASP B 484 -35.62 12.66 -12.99
N PRO B 485 -36.65 13.48 -13.31
CA PRO B 485 -37.61 13.05 -14.35
C PRO B 485 -37.03 12.53 -15.68
N THR B 486 -35.99 13.17 -16.20
CA THR B 486 -35.46 12.82 -17.54
C THR B 486 -34.88 11.40 -17.57
N GLY B 487 -34.16 11.04 -16.54
CA GLY B 487 -33.70 9.67 -16.33
C GLY B 487 -32.30 9.59 -15.74
N ASP B 488 -31.71 8.43 -15.88
CA ASP B 488 -30.57 7.95 -15.08
C ASP B 488 -29.32 8.83 -15.24
N HIS B 489 -29.08 9.36 -16.44
CA HIS B 489 -27.88 10.20 -16.71
C HIS B 489 -27.93 11.44 -15.83
N LEU B 490 -29.09 12.09 -15.79
CA LEU B 490 -29.25 13.30 -14.95
C LEU B 490 -29.24 12.90 -13.48
N THR B 491 -29.74 11.73 -13.15
CA THR B 491 -29.74 11.22 -11.76
C THR B 491 -28.31 11.07 -11.28
N LEU B 492 -27.41 10.61 -12.15
CA LEU B 492 -25.97 10.51 -11.81
C LEU B 492 -25.42 11.91 -11.51
N LEU B 493 -25.83 12.88 -12.32
CA LEU B 493 -25.44 14.30 -12.14
C LEU B 493 -25.96 14.79 -10.79
N ASN B 494 -27.18 14.41 -10.42
CA ASN B 494 -27.74 14.81 -9.10
C ASN B 494 -26.88 14.29 -7.95
N VAL B 495 -26.48 13.03 -8.01
CA VAL B 495 -25.69 12.38 -6.93
C VAL B 495 -24.38 13.11 -6.75
N TYR B 496 -23.70 13.37 -7.87
CA TYR B 496 -22.30 13.91 -7.79
C TYR B 496 -22.35 15.34 -7.30
N ASN B 497 -23.30 16.13 -7.80
CA ASN B 497 -23.44 17.54 -7.38
C ASN B 497 -23.70 17.63 -5.89
N ALA B 498 -24.62 16.81 -5.39
CA ALA B 498 -25.01 16.80 -3.96
C ALA B 498 -23.81 16.39 -3.10
N TRP B 499 -23.08 15.39 -3.58
CA TRP B 499 -21.80 14.97 -2.95
C TRP B 499 -20.80 16.12 -2.89
N LYS B 500 -20.59 16.88 -3.99
CA LYS B 500 -19.82 18.16 -3.89
C LYS B 500 -20.44 19.09 -2.84
N ASN B 501 -21.78 19.21 -2.83
CA ASN B 501 -22.48 20.19 -1.98
C ASN B 501 -22.35 19.82 -0.51
N SER B 502 -22.00 18.58 -0.19
CA SER B 502 -21.73 18.19 1.22
C SER B 502 -20.23 18.03 1.48
N GLY B 503 -19.43 18.87 0.81
CA GLY B 503 -17.98 18.89 0.90
C GLY B 503 -17.28 17.55 0.79
N TYR B 504 -17.87 16.61 0.05
CA TYR B 504 -17.31 15.30 -0.33
C TYR B 504 -17.15 14.40 0.89
N SER B 505 -18.09 14.51 1.80
CA SER B 505 -18.15 13.77 3.07
C SER B 505 -18.53 12.31 2.89
N ASN B 506 -17.75 11.44 3.49
CA ASN B 506 -18.08 9.99 3.58
C ASN B 506 -19.32 9.77 4.46
N ALA B 507 -19.50 10.62 5.47
CA ALA B 507 -20.61 10.53 6.39
C ALA B 507 -21.91 10.76 5.62
N TRP B 508 -21.87 11.68 4.65
CA TRP B 508 -23.01 11.91 3.73
C TRP B 508 -23.22 10.68 2.85
N CYS B 509 -22.11 10.12 2.40
CA CYS B 509 -22.10 8.94 1.49
C CYS B 509 -22.79 7.77 2.20
N PHE B 510 -22.46 7.60 3.47
CA PHE B 510 -22.99 6.51 4.32
C PHE B 510 -24.46 6.81 4.62
N GLU B 511 -24.80 8.08 4.74
CA GLU B 511 -26.16 8.55 5.09
C GLU B 511 -27.11 8.16 3.97
N ASN B 512 -26.60 8.10 2.73
CA ASN B 512 -27.46 7.88 1.55
C ASN B 512 -27.10 6.58 0.82
N TYR B 513 -26.30 5.73 1.46
CA TYR B 513 -25.94 4.38 0.98
C TYR B 513 -25.29 4.47 -0.40
N ILE B 514 -24.48 5.50 -0.56
CA ILE B 514 -23.58 5.71 -1.72
C ILE B 514 -22.19 5.21 -1.36
N GLN B 515 -21.64 4.36 -2.21
CA GLN B 515 -20.24 3.87 -2.17
C GLN B 515 -19.30 5.07 -2.15
N ALA B 516 -18.61 5.25 -1.03
CA ALA B 516 -17.76 6.44 -0.80
C ALA B 516 -16.57 6.39 -1.77
N ARG B 517 -16.03 5.19 -1.97
CA ARG B 517 -14.83 5.00 -2.83
C ARG B 517 -15.21 5.28 -4.28
N ALA B 518 -16.41 4.93 -4.70
CA ALA B 518 -16.81 5.06 -6.09
C ALA B 518 -16.86 6.55 -6.49
N MET B 519 -17.41 7.37 -5.60
CA MET B 519 -17.52 8.82 -5.84
C MET B 519 -16.12 9.44 -5.93
N ARG B 520 -15.22 9.01 -5.04
CA ARG B 520 -13.82 9.52 -5.05
C ARG B 520 -13.15 9.15 -6.36
N ARG B 521 -13.39 7.96 -6.86
CA ARG B 521 -12.86 7.48 -8.15
C ARG B 521 -13.42 8.37 -9.27
N ALA B 522 -14.72 8.64 -9.20
CA ALA B 522 -15.42 9.48 -10.18
C ALA B 522 -14.79 10.89 -10.24
N ARG B 523 -14.50 11.47 -9.09
CA ARG B 523 -13.90 12.81 -9.02
C ARG B 523 -12.50 12.76 -9.64
N ASP B 524 -11.76 11.70 -9.37
CA ASP B 524 -10.40 11.56 -9.92
C ASP B 524 -10.47 11.46 -11.43
N VAL B 525 -11.43 10.68 -11.93
CA VAL B 525 -11.63 10.55 -13.40
C VAL B 525 -12.05 11.91 -13.98
N ARG B 526 -12.96 12.61 -13.30
CA ARG B 526 -13.47 13.92 -13.80
C ARG B 526 -12.32 14.92 -13.88
N GLN B 527 -11.46 14.97 -12.87
CA GLN B 527 -10.34 15.95 -12.86
C GLN B 527 -9.43 15.64 -14.05
N GLN B 528 -9.16 14.36 -14.29
CA GLN B 528 -8.29 13.97 -15.42
C GLN B 528 -8.93 14.35 -16.74
N ILE B 529 -10.24 14.14 -16.88
CA ILE B 529 -10.97 14.52 -18.11
C ILE B 529 -10.89 16.03 -18.29
N VAL B 530 -11.11 16.79 -17.23
CA VAL B 530 -11.07 18.28 -17.27
C VAL B 530 -9.70 18.74 -17.74
N LYS B 531 -8.63 18.09 -17.29
CA LYS B 531 -7.27 18.49 -17.69
C LYS B 531 -7.06 18.22 -19.17
N ILE B 532 -7.55 17.07 -19.65
CA ILE B 532 -7.36 16.67 -21.08
C ILE B 532 -8.15 17.64 -21.93
N MET B 533 -9.36 18.03 -21.52
CA MET B 533 -10.10 19.05 -22.26
C MET B 533 -9.31 20.36 -22.25
N GLU B 534 -8.79 20.73 -21.10
CA GLU B 534 -8.05 21.99 -20.96
C GLU B 534 -6.78 21.92 -21.78
N ARG B 535 -6.14 20.76 -21.88
CA ARG B 535 -4.94 20.60 -22.73
C ARG B 535 -5.27 20.93 -24.18
N HIS B 536 -6.40 20.42 -24.68
CA HIS B 536 -6.83 20.69 -26.08
C HIS B 536 -7.69 21.95 -26.08
N ARG B 537 -8.24 22.34 -27.23
CA ARG B 537 -9.06 23.58 -27.24
C ARG B 537 -10.49 23.24 -26.80
N HIS B 538 -10.68 22.91 -25.51
CA HIS B 538 -12.03 22.58 -25.03
C HIS B 538 -12.25 23.40 -23.77
N PRO B 539 -13.24 24.31 -23.78
CA PRO B 539 -13.62 25.07 -22.57
C PRO B 539 -14.71 24.44 -21.70
N ILE B 540 -14.48 24.43 -20.40
CA ILE B 540 -15.51 23.90 -19.46
C ILE B 540 -16.57 24.96 -19.16
N ILE B 541 -17.58 25.07 -20.03
CA ILE B 541 -18.73 25.99 -19.82
C ILE B 541 -19.79 25.16 -19.13
N SER B 542 -20.66 25.80 -18.37
CA SER B 542 -21.84 25.11 -17.78
C SER B 542 -23.11 25.72 -18.33
N CYS B 543 -24.03 24.86 -18.78
CA CYS B 543 -25.30 25.33 -19.37
C CYS B 543 -26.16 26.04 -18.33
N GLY B 544 -26.14 25.53 -17.10
CA GLY B 544 -26.85 26.14 -15.98
C GLY B 544 -28.19 25.47 -15.79
N ARG B 545 -28.11 24.17 -15.50
CA ARG B 545 -29.27 23.30 -15.17
C ARG B 545 -30.30 23.28 -16.31
N ASP B 546 -29.84 23.35 -17.54
CA ASP B 546 -30.68 23.10 -18.73
C ASP B 546 -30.48 21.64 -19.11
N THR B 547 -31.45 20.80 -18.79
CA THR B 547 -31.31 19.35 -19.01
C THR B 547 -31.34 19.09 -20.51
N ASP B 548 -32.25 19.77 -21.23
CA ASP B 548 -32.37 19.66 -22.70
C ASP B 548 -31.02 19.71 -23.43
N LYS B 549 -30.11 20.60 -23.03
CA LYS B 549 -28.85 20.80 -23.77
C LYS B 549 -27.91 19.61 -23.53
N ILE B 550 -28.02 19.04 -22.36
CA ILE B 550 -27.18 17.88 -21.97
C ILE B 550 -27.65 16.64 -22.75
N ARG B 551 -28.95 16.47 -22.87
CA ARG B 551 -29.50 15.29 -23.58
C ARG B 551 -29.32 15.39 -25.09
N GLN B 552 -29.42 16.60 -25.64
CA GLN B 552 -29.01 16.86 -27.03
C GLN B 552 -27.56 16.45 -27.25
N ALA B 553 -26.72 16.71 -26.24
CA ALA B 553 -25.30 16.35 -26.37
C ALA B 553 -25.12 14.85 -26.32
N LEU B 554 -25.77 14.21 -25.36
CA LEU B 554 -25.82 12.72 -25.22
C LEU B 554 -26.34 12.07 -26.49
N CYS B 555 -27.29 12.68 -27.16
CA CYS B 555 -27.83 12.10 -28.42
C CYS B 555 -26.74 12.01 -29.51
N ALA B 556 -25.84 12.99 -29.49
CA ALA B 556 -24.80 13.09 -30.55
C ALA B 556 -23.77 11.96 -30.41
N GLY B 557 -23.76 11.20 -29.35
CA GLY B 557 -22.86 10.07 -29.24
C GLY B 557 -23.57 8.76 -29.20
N PHE B 558 -24.71 8.70 -28.53
CA PHE B 558 -25.38 7.43 -28.16
C PHE B 558 -26.73 7.31 -28.88
N PHE B 559 -26.75 7.82 -30.09
CA PHE B 559 -27.94 7.76 -30.98
C PHE B 559 -28.17 6.31 -31.40
N ARG B 560 -27.10 5.53 -31.55
CA ARG B 560 -27.24 4.10 -31.91
C ARG B 560 -27.94 3.36 -30.76
N ASN B 561 -27.63 3.73 -29.53
CA ASN B 561 -28.24 3.13 -28.31
C ASN B 561 -29.54 3.83 -27.99
N THR B 562 -30.55 3.66 -28.84
CA THR B 562 -31.88 4.25 -28.62
C THR B 562 -33.01 3.24 -28.76
N ALA B 563 -34.14 3.54 -28.19
CA ALA B 563 -35.26 2.59 -28.20
C ALA B 563 -36.59 3.32 -28.08
N ARG B 564 -37.64 2.64 -28.50
CA ARG B 564 -39.01 3.20 -28.54
C ARG B 564 -40.03 2.24 -27.93
N LYS B 565 -41.00 2.77 -27.22
CA LYS B 565 -41.90 1.91 -26.40
C LYS B 565 -42.96 1.23 -27.27
N ASP B 566 -43.13 -0.08 -27.15
CA ASP B 566 -44.08 -0.91 -27.93
C ASP B 566 -45.15 -1.39 -26.95
N PRO B 567 -46.45 -1.20 -27.24
CA PRO B 567 -47.51 -1.65 -26.32
C PRO B 567 -47.67 -3.19 -26.25
N GLY B 570 -42.45 -4.20 -23.65
CA GLY B 570 -41.42 -3.21 -23.24
C GLY B 570 -41.05 -2.27 -24.36
N TYR B 571 -39.77 -2.08 -24.62
CA TYR B 571 -39.33 -1.19 -25.71
C TYR B 571 -38.78 -2.06 -26.84
N LYS B 572 -38.50 -1.40 -27.94
CA LYS B 572 -37.75 -1.96 -29.09
C LYS B 572 -36.68 -0.99 -29.53
N THR B 573 -35.50 -1.50 -29.79
CA THR B 573 -34.36 -0.74 -30.36
C THR B 573 -34.72 -0.24 -31.75
N LEU B 574 -34.31 0.98 -32.08
CA LEU B 574 -34.54 1.65 -33.36
C LEU B 574 -33.62 1.04 -34.41
N THR B 575 -32.37 0.82 -34.04
CA THR B 575 -31.32 0.37 -34.96
C THR B 575 -31.53 -1.07 -35.39
N GLU B 576 -31.43 -2.02 -34.49
CA GLU B 576 -31.42 -3.45 -34.80
C GLU B 576 -32.83 -4.06 -34.70
N GLY B 577 -33.81 -3.31 -34.22
CA GLY B 577 -35.18 -3.84 -34.02
C GLY B 577 -35.36 -4.63 -32.73
N THR B 578 -34.27 -4.82 -31.99
CA THR B 578 -34.17 -5.80 -30.88
C THR B 578 -35.01 -5.34 -29.70
N PRO B 579 -35.78 -6.23 -29.06
CA PRO B 579 -36.57 -5.84 -27.89
C PRO B 579 -35.74 -5.69 -26.63
N VAL B 580 -35.80 -4.51 -26.01
CA VAL B 580 -35.01 -4.22 -24.79
C VAL B 580 -35.97 -3.60 -23.77
N TYR B 581 -35.70 -3.86 -22.50
CA TYR B 581 -36.64 -3.41 -21.45
C TYR B 581 -35.91 -2.63 -20.37
N LEU B 582 -36.69 -1.78 -19.70
CA LEU B 582 -36.22 -0.96 -18.54
C LEU B 582 -35.99 -1.82 -17.30
N HIS B 583 -34.87 -1.55 -16.64
CA HIS B 583 -34.50 -2.20 -15.36
C HIS B 583 -35.26 -1.49 -14.24
N PRO B 584 -35.77 -2.25 -13.24
CA PRO B 584 -36.45 -1.66 -12.08
C PRO B 584 -35.72 -0.55 -11.32
N SER B 585 -34.39 -0.57 -11.33
CA SER B 585 -33.55 0.38 -10.59
C SER B 585 -33.53 1.78 -11.22
N SER B 586 -33.95 1.88 -12.47
CA SER B 586 -33.90 3.09 -13.28
C SER B 586 -34.78 4.20 -12.70
N ALA B 587 -34.39 5.40 -13.03
CA ALA B 587 -35.12 6.65 -12.66
C ALA B 587 -36.51 6.69 -13.29
N LEU B 588 -36.65 6.28 -14.55
CA LEU B 588 -37.97 6.43 -15.21
C LEU B 588 -38.65 5.07 -15.38
N PHE B 589 -38.32 4.11 -14.51
CA PHE B 589 -38.94 2.77 -14.55
C PHE B 589 -40.46 2.85 -14.36
N GLY B 590 -40.90 3.60 -13.36
CA GLY B 590 -42.36 3.84 -13.23
C GLY B 590 -42.91 4.59 -14.45
N LYS B 591 -42.14 5.58 -14.91
CA LYS B 591 -42.64 6.60 -15.86
C LYS B 591 -42.85 5.98 -17.21
N GLN B 592 -43.52 6.75 -18.06
CA GLN B 592 -43.76 6.37 -19.47
C GLN B 592 -42.99 7.31 -20.40
N ALA B 593 -41.92 6.82 -20.99
CA ALA B 593 -41.11 7.61 -21.92
C ALA B 593 -41.15 6.92 -23.27
N GLU B 594 -41.64 7.62 -24.28
CA GLU B 594 -41.85 7.03 -25.63
C GLU B 594 -40.50 6.82 -26.32
N TRP B 595 -39.62 7.82 -26.27
CA TRP B 595 -38.28 7.70 -26.86
C TRP B 595 -37.26 7.80 -25.73
N VAL B 596 -36.31 6.87 -25.75
CA VAL B 596 -35.24 6.79 -24.73
C VAL B 596 -33.88 6.60 -25.39
N LEU B 597 -32.88 6.83 -24.57
CA LEU B 597 -31.44 6.65 -24.87
C LEU B 597 -30.80 6.01 -23.67
N TYR B 598 -29.97 5.00 -23.88
CA TYR B 598 -29.39 4.17 -22.81
C TYR B 598 -27.88 4.09 -23.01
N HIS B 599 -27.21 3.78 -21.91
CA HIS B 599 -25.72 3.72 -21.94
C HIS B 599 -25.25 2.33 -22.36
N GLU B 600 -25.91 1.30 -21.84
CA GLU B 600 -25.53 -0.09 -22.10
C GLU B 600 -26.77 -0.96 -22.22
N LEU B 601 -26.56 -2.15 -22.76
CA LEU B 601 -27.53 -3.26 -22.78
C LEU B 601 -26.93 -4.46 -22.02
N VAL B 602 -27.54 -4.82 -20.91
CA VAL B 602 -27.09 -5.99 -20.09
C VAL B 602 -28.13 -7.11 -20.19
N LEU B 603 -27.67 -8.32 -20.37
CA LEU B 603 -28.55 -9.50 -20.47
C LEU B 603 -28.53 -10.23 -19.14
N THR B 604 -29.67 -10.31 -18.47
CA THR B 604 -29.72 -11.12 -17.21
C THR B 604 -30.91 -12.06 -17.19
N THR B 605 -32.09 -11.48 -17.12
CA THR B 605 -33.40 -12.17 -17.18
C THR B 605 -34.02 -11.99 -18.56
N LYS B 606 -33.57 -10.91 -19.21
CA LYS B 606 -34.02 -10.37 -20.51
C LYS B 606 -32.99 -9.29 -20.86
N GLU B 607 -33.05 -8.71 -22.06
CA GLU B 607 -32.14 -7.61 -22.43
C GLU B 607 -32.60 -6.33 -21.73
N TYR B 608 -31.81 -5.90 -20.76
CA TYR B 608 -32.08 -4.64 -20.01
C TYR B 608 -31.16 -3.51 -20.48
N MET B 609 -31.77 -2.33 -20.61
CA MET B 609 -31.03 -1.08 -20.81
C MET B 609 -30.52 -0.59 -19.48
N HIS B 610 -29.23 -0.29 -19.42
CA HIS B 610 -28.60 0.25 -18.19
C HIS B 610 -28.37 1.75 -18.39
N PHE B 611 -28.76 2.57 -17.41
CA PHE B 611 -28.72 4.05 -17.52
C PHE B 611 -29.55 4.55 -18.70
N THR B 612 -30.87 4.45 -18.53
CA THR B 612 -31.84 4.95 -19.50
C THR B 612 -32.32 6.38 -19.20
N THR B 613 -32.39 7.19 -20.24
CA THR B 613 -32.84 8.60 -20.18
C THR B 613 -33.78 8.87 -21.34
N ALA B 614 -34.88 9.57 -21.07
CA ALA B 614 -35.87 10.00 -22.06
C ALA B 614 -35.25 11.01 -23.02
N ILE B 615 -35.58 10.90 -24.30
CA ILE B 615 -35.21 11.92 -25.30
C ILE B 615 -36.42 12.19 -26.21
N GLU B 616 -36.23 13.16 -27.09
CA GLU B 616 -37.13 13.57 -28.17
C GLU B 616 -36.48 13.16 -29.49
N PRO B 617 -37.34 12.73 -30.44
CA PRO B 617 -36.90 12.25 -31.74
C PRO B 617 -36.19 13.35 -32.51
N LYS B 618 -36.63 14.60 -32.35
CA LYS B 618 -36.02 15.71 -33.11
C LYS B 618 -34.53 15.77 -32.82
N TRP B 619 -34.11 15.62 -31.56
CA TRP B 619 -32.66 15.63 -31.27
C TRP B 619 -31.99 14.47 -32.02
N LEU B 620 -32.61 13.29 -32.05
CA LEU B 620 -31.96 12.20 -32.79
C LEU B 620 -31.87 12.63 -34.25
N VAL B 621 -32.94 13.15 -34.82
CA VAL B 621 -32.83 13.54 -36.25
C VAL B 621 -31.83 14.69 -36.39
N GLU B 622 -31.91 15.71 -35.55
CA GLU B 622 -31.03 16.87 -35.82
C GLU B 622 -29.68 16.76 -35.14
N ALA B 623 -29.65 16.51 -33.83
CA ALA B 623 -28.33 16.48 -33.15
C ALA B 623 -27.49 15.33 -33.70
N ALA B 624 -28.11 14.17 -33.94
CA ALA B 624 -27.37 13.01 -34.47
C ALA B 624 -27.64 12.95 -35.97
N PRO B 625 -26.79 13.55 -36.81
CA PRO B 625 -27.00 13.57 -38.25
C PRO B 625 -26.73 12.25 -38.98
N THR B 626 -27.10 12.23 -40.26
CA THR B 626 -26.89 11.12 -41.22
C THR B 626 -27.82 9.93 -40.99
N PHE B 627 -27.40 9.00 -40.13
CA PHE B 627 -28.14 7.72 -39.98
C PHE B 627 -29.59 8.00 -39.60
N PHE B 628 -29.84 8.92 -38.69
CA PHE B 628 -31.24 9.18 -38.30
C PHE B 628 -31.84 10.25 -39.22
N LYS B 629 -31.11 10.71 -40.23
CA LYS B 629 -31.76 11.75 -41.04
C LYS B 629 -32.68 11.09 -42.07
N LEU B 630 -33.91 10.82 -41.62
CA LEU B 630 -34.99 10.25 -42.44
C LEU B 630 -36.11 11.28 -42.37
N ALA B 631 -35.80 12.48 -41.89
CA ALA B 631 -36.83 13.52 -41.87
C ALA B 631 -36.16 14.88 -42.00
N PRO B 632 -35.43 15.17 -43.08
CA PRO B 632 -34.78 16.47 -43.28
C PRO B 632 -35.76 17.64 -43.42
#